data_1KBM
# 
_entry.id   1KBM 
# 
_audit_conform.dict_name       mmcif_pdbx.dic 
_audit_conform.dict_version    5.392 
_audit_conform.dict_location   http://mmcif.pdb.org/dictionaries/ascii/mmcif_pdbx.dic 
# 
loop_
_database_2.database_id 
_database_2.database_code 
_database_2.pdbx_database_accession 
_database_2.pdbx_DOI 
PDB   1KBM         pdb_00001kbm 10.2210/pdb1kbm/pdb 
RCSB  RCSB014782   ?            ?                   
WWPDB D_1000014782 ?            ?                   
# 
loop_
_pdbx_audit_revision_history.ordinal 
_pdbx_audit_revision_history.data_content_type 
_pdbx_audit_revision_history.major_revision 
_pdbx_audit_revision_history.minor_revision 
_pdbx_audit_revision_history.revision_date 
1 'Structure model' 1 0 2001-11-28 
2 'Structure model' 1 1 2008-04-27 
3 'Structure model' 1 2 2011-07-13 
4 'Structure model' 1 3 2022-02-23 
5 'Structure model' 1 4 2024-05-22 
# 
_pdbx_audit_revision_details.ordinal             1 
_pdbx_audit_revision_details.revision_ordinal    1 
_pdbx_audit_revision_details.data_content_type   'Structure model' 
_pdbx_audit_revision_details.provider            repository 
_pdbx_audit_revision_details.type                'Initial release' 
_pdbx_audit_revision_details.description         ? 
_pdbx_audit_revision_details.details             ? 
# 
loop_
_pdbx_audit_revision_group.ordinal 
_pdbx_audit_revision_group.revision_ordinal 
_pdbx_audit_revision_group.data_content_type 
_pdbx_audit_revision_group.group 
1 2 'Structure model' 'Version format compliance' 
2 3 'Structure model' 'Version format compliance' 
3 4 'Structure model' 'Data collection'           
4 4 'Structure model' 'Database references'       
5 4 'Structure model' 'Derived calculations'      
6 5 'Structure model' 'Data collection'           
# 
loop_
_pdbx_audit_revision_category.ordinal 
_pdbx_audit_revision_category.revision_ordinal 
_pdbx_audit_revision_category.data_content_type 
_pdbx_audit_revision_category.category 
1 4 'Structure model' database_2            
2 4 'Structure model' pdbx_nmr_software     
3 4 'Structure model' pdbx_struct_assembly  
4 4 'Structure model' pdbx_struct_oper_list 
5 4 'Structure model' struct_conn           
6 5 'Structure model' chem_comp_atom        
7 5 'Structure model' chem_comp_bond        
# 
loop_
_pdbx_audit_revision_item.ordinal 
_pdbx_audit_revision_item.revision_ordinal 
_pdbx_audit_revision_item.data_content_type 
_pdbx_audit_revision_item.item 
1 4 'Structure model' '_database_2.pdbx_DOI'                
2 4 'Structure model' '_database_2.pdbx_database_accession' 
3 4 'Structure model' '_pdbx_nmr_software.name'             
4 4 'Structure model' '_struct_conn.pdbx_leaving_atom_flag' 
# 
_pdbx_database_status.status_code                     REL 
_pdbx_database_status.entry_id                        1KBM 
_pdbx_database_status.recvd_initial_deposition_date   2001-11-06 
_pdbx_database_status.deposit_site                    RCSB 
_pdbx_database_status.process_site                    RCSB 
_pdbx_database_status.status_code_mr                  REL 
_pdbx_database_status.SG_entry                        . 
_pdbx_database_status.pdb_format_compatible           Y 
_pdbx_database_status.status_code_sf                  ? 
_pdbx_database_status.status_code_cs                  ? 
_pdbx_database_status.status_code_nmr_data            ? 
_pdbx_database_status.methods_development_category    ? 
# 
_pdbx_database_related.db_name        PDB 
_pdbx_database_related.db_id          1KB1 
_pdbx_database_related.details        'SOLUTION STRUCTURE OF AN 11-MER DNA DUPLEX CONTAINING 6-THIOGUANINE OPPOSITE CYTOSINE' 
_pdbx_database_related.content_type   unspecified 
# 
loop_
_audit_author.name 
_audit_author.pdbx_ordinal 
'Bohon, J.'           1 
'De Los Santos, C.R.' 2 
# 
_citation.id                        primary 
_citation.title                     'Structural effect of the anticancer agent 6-thioguanine on duplex DNA.' 
_citation.journal_abbrev            'Nucleic Acids Res.' 
_citation.journal_volume            31 
_citation.page_first                1331 
_citation.page_last                 1338 
_citation.year                      2003 
_citation.journal_id_ASTM           NARHAD 
_citation.country                   UK 
_citation.journal_id_ISSN           0305-1048 
_citation.journal_id_CSD            0389 
_citation.book_publisher            ? 
_citation.pdbx_database_id_PubMed   12582253 
_citation.pdbx_database_id_DOI      10.1093/nar/gkg203 
# 
loop_
_citation_author.citation_id 
_citation_author.name 
_citation_author.ordinal 
_citation_author.identifier_ORCID 
primary 'Bohon, J.'           1 ? 
primary 'de los Santos, C.R.' 2 ? 
# 
loop_
_entity.id 
_entity.type 
_entity.src_method 
_entity.pdbx_description 
_entity.formula_weight 
_entity.pdbx_number_of_molecules 
_entity.pdbx_ec 
_entity.pdbx_mutation 
_entity.pdbx_fragment 
_entity.details 
1 polymer syn "5'-D(*CP*GP*TP*AP*CP*(S6G)P*CP*AP*TP*GP*C)-3'" 3350.252 1 ? ? ? ? 
2 polymer syn "5'-D(*GP*CP*AP*TP*GP*TP*GP*TP*AP*CP*G)-3'"     3389.221 1 ? ? ? ? 
# 
loop_
_entity_poly.entity_id 
_entity_poly.type 
_entity_poly.nstd_linkage 
_entity_poly.nstd_monomer 
_entity_poly.pdbx_seq_one_letter_code 
_entity_poly.pdbx_seq_one_letter_code_can 
_entity_poly.pdbx_strand_id 
_entity_poly.pdbx_target_identifier 
1 polydeoxyribonucleotide no yes '(DC)(DG)(DT)(DA)(DC)(S6G)(DC)(DA)(DT)(DG)(DC)' CGTACGCATGC A ? 
2 polydeoxyribonucleotide no no  '(DG)(DC)(DA)(DT)(DG)(DT)(DG)(DT)(DA)(DC)(DG)'  GCATGTGTACG B ? 
# 
loop_
_entity_poly_seq.entity_id 
_entity_poly_seq.num 
_entity_poly_seq.mon_id 
_entity_poly_seq.hetero 
1 1  DC  n 
1 2  DG  n 
1 3  DT  n 
1 4  DA  n 
1 5  DC  n 
1 6  S6G n 
1 7  DC  n 
1 8  DA  n 
1 9  DT  n 
1 10 DG  n 
1 11 DC  n 
2 1  DG  n 
2 2  DC  n 
2 3  DA  n 
2 4  DT  n 
2 5  DG  n 
2 6  DT  n 
2 7  DG  n 
2 8  DT  n 
2 9  DA  n 
2 10 DC  n 
2 11 DG  n 
# 
loop_
_chem_comp.id 
_chem_comp.type 
_chem_comp.mon_nstd_flag 
_chem_comp.name 
_chem_comp.pdbx_synonyms 
_chem_comp.formula 
_chem_comp.formula_weight 
DA  'DNA linking' y "2'-DEOXYADENOSINE-5'-MONOPHOSPHATE"        ? 'C10 H14 N5 O6 P'   331.222 
DC  'DNA linking' y "2'-DEOXYCYTIDINE-5'-MONOPHOSPHATE"         ? 'C9 H14 N3 O7 P'    307.197 
DG  'DNA linking' y "2'-DEOXYGUANOSINE-5'-MONOPHOSPHATE"        ? 'C10 H14 N5 O7 P'   347.221 
DT  'DNA linking' y "THYMIDINE-5'-MONOPHOSPHATE"                ? 'C10 H15 N2 O8 P'   322.208 
S6G 'DNA linking' n "6-THIO-2'-DEOXYGUANOSINE-5'-MONOPHOSPHATE" ? 'C10 H14 N5 O6 P S' 363.287 
# 
loop_
_pdbx_poly_seq_scheme.asym_id 
_pdbx_poly_seq_scheme.entity_id 
_pdbx_poly_seq_scheme.seq_id 
_pdbx_poly_seq_scheme.mon_id 
_pdbx_poly_seq_scheme.ndb_seq_num 
_pdbx_poly_seq_scheme.pdb_seq_num 
_pdbx_poly_seq_scheme.auth_seq_num 
_pdbx_poly_seq_scheme.pdb_mon_id 
_pdbx_poly_seq_scheme.auth_mon_id 
_pdbx_poly_seq_scheme.pdb_strand_id 
_pdbx_poly_seq_scheme.pdb_ins_code 
_pdbx_poly_seq_scheme.hetero 
A 1 1  DC  1  1  1  DC  C   A . n 
A 1 2  DG  2  2  2  DG  G   A . n 
A 1 3  DT  3  3  3  DT  T   A . n 
A 1 4  DA  4  4  4  DA  A   A . n 
A 1 5  DC  5  5  5  DC  C   A . n 
A 1 6  S6G 6  6  6  S6G S6G A . n 
A 1 7  DC  7  7  7  DC  C   A . n 
A 1 8  DA  8  8  8  DA  A   A . n 
A 1 9  DT  9  9  9  DT  T   A . n 
A 1 10 DG  10 10 10 DG  G   A . n 
A 1 11 DC  11 11 11 DC  C   A . n 
B 2 1  DG  1  1  1  DG  G   B . n 
B 2 2  DC  2  2  2  DC  C   B . n 
B 2 3  DA  3  3  3  DA  A   B . n 
B 2 4  DT  4  4  4  DT  T   B . n 
B 2 5  DG  5  5  5  DG  G   B . n 
B 2 6  DT  6  6  6  DT  T   B . n 
B 2 7  DG  7  7  7  DG  G   B . n 
B 2 8  DT  8  8  8  DT  T   B . n 
B 2 9  DA  9  9  9  DA  A   B . n 
B 2 10 DC  10 10 10 DC  C   B . n 
B 2 11 DG  11 11 11 DG  G   B . n 
# 
_cell.entry_id           1KBM 
_cell.length_a           1.000 
_cell.length_b           1.000 
_cell.length_c           1.000 
_cell.angle_alpha        90.00 
_cell.angle_beta         90.00 
_cell.angle_gamma        90.00 
_cell.Z_PDB              1 
_cell.pdbx_unique_axis   ? 
# 
_symmetry.entry_id                         1KBM 
_symmetry.space_group_name_H-M             'P 1' 
_symmetry.pdbx_full_space_group_name_H-M   ? 
_symmetry.cell_setting                     ? 
_symmetry.Int_Tables_number                1 
# 
_exptl.entry_id          1KBM 
_exptl.method            'SOLUTION NMR' 
_exptl.crystals_number   ? 
# 
_exptl_crystal.id                    1 
_exptl_crystal.density_meas          ? 
_exptl_crystal.density_percent_sol   ? 
_exptl_crystal.density_Matthews      ? 
_exptl_crystal.description           ? 
# 
_diffrn.id                     1 
_diffrn.ambient_temp           ? 
_diffrn.ambient_temp_details   ? 
_diffrn.crystal_id             1 
# 
_diffrn_radiation.diffrn_id                        1 
_diffrn_radiation.wavelength_id                    1 
_diffrn_radiation.monochromator                    ? 
_diffrn_radiation.pdbx_monochromatic_or_laue_m_l   M 
_diffrn_radiation.pdbx_diffrn_protocol             'SINGLE WAVELENGTH' 
_diffrn_radiation.pdbx_scattering_type             ? 
# 
_diffrn_radiation_wavelength.id           1 
_diffrn_radiation_wavelength.wavelength   . 
_diffrn_radiation_wavelength.wt           1.0 
# 
_struct.entry_id                  1KBM 
_struct.title                     'SOLUTION STRUCTURE OF AN 11-MER DNA DUPLEX CONTAINING 6-THIOGUANINE OPPOSITE THYMINE' 
_struct.pdbx_model_details        ? 
_struct.pdbx_CASP_flag            ? 
_struct.pdbx_model_type_details   ? 
# 
_struct_keywords.entry_id        1KBM 
_struct_keywords.pdbx_keywords   DNA 
_struct_keywords.text            'THIOGUANINE, 6-THIOGUANINE, TG, 6TG, S6G, THIOPURINE, DOUBLE HELIX, B-FORM DNA, DNA' 
# 
loop_
_struct_asym.id 
_struct_asym.pdbx_blank_PDB_chainid_flag 
_struct_asym.pdbx_modified 
_struct_asym.entity_id 
_struct_asym.details 
A N N 1 ? 
B N N 2 ? 
# 
loop_
_struct_ref.id 
_struct_ref.entity_id 
_struct_ref.db_name 
_struct_ref.db_code 
_struct_ref.pdbx_db_accession 
_struct_ref.pdbx_db_isoform 
_struct_ref.pdbx_seq_one_letter_code 
_struct_ref.pdbx_align_begin 
1 1 PDB 1KBM 1KBM ? ? ? 
2 2 PDB 1KBM 1KBM ? ? ? 
# 
loop_
_struct_ref_seq.align_id 
_struct_ref_seq.ref_id 
_struct_ref_seq.pdbx_PDB_id_code 
_struct_ref_seq.pdbx_strand_id 
_struct_ref_seq.seq_align_beg 
_struct_ref_seq.pdbx_seq_align_beg_ins_code 
_struct_ref_seq.seq_align_end 
_struct_ref_seq.pdbx_seq_align_end_ins_code 
_struct_ref_seq.pdbx_db_accession 
_struct_ref_seq.db_align_beg 
_struct_ref_seq.pdbx_db_align_beg_ins_code 
_struct_ref_seq.db_align_end 
_struct_ref_seq.pdbx_db_align_end_ins_code 
_struct_ref_seq.pdbx_auth_seq_align_beg 
_struct_ref_seq.pdbx_auth_seq_align_end 
1 1 1KBM A 1 ? 11 ? 1KBM 1 ? 11 ? 1 11 
2 2 1KBM B 1 ? 11 ? 1KBM 1 ? 11 ? 1 11 
# 
_pdbx_struct_assembly.id                   1 
_pdbx_struct_assembly.details              author_defined_assembly 
_pdbx_struct_assembly.method_details       ? 
_pdbx_struct_assembly.oligomeric_details   dimeric 
_pdbx_struct_assembly.oligomeric_count     2 
# 
_pdbx_struct_assembly_gen.assembly_id       1 
_pdbx_struct_assembly_gen.oper_expression   1 
_pdbx_struct_assembly_gen.asym_id_list      A,B 
# 
_pdbx_struct_oper_list.id                   1 
_pdbx_struct_oper_list.type                 'identity operation' 
_pdbx_struct_oper_list.name                 1_555 
_pdbx_struct_oper_list.symmetry_operation   x,y,z 
_pdbx_struct_oper_list.matrix[1][1]         1.0000000000 
_pdbx_struct_oper_list.matrix[1][2]         0.0000000000 
_pdbx_struct_oper_list.matrix[1][3]         0.0000000000 
_pdbx_struct_oper_list.vector[1]            0.0000000000 
_pdbx_struct_oper_list.matrix[2][1]         0.0000000000 
_pdbx_struct_oper_list.matrix[2][2]         1.0000000000 
_pdbx_struct_oper_list.matrix[2][3]         0.0000000000 
_pdbx_struct_oper_list.vector[2]            0.0000000000 
_pdbx_struct_oper_list.matrix[3][1]         0.0000000000 
_pdbx_struct_oper_list.matrix[3][2]         0.0000000000 
_pdbx_struct_oper_list.matrix[3][3]         1.0000000000 
_pdbx_struct_oper_list.vector[3]            0.0000000000 
# 
_struct_biol.id   1 
# 
loop_
_struct_conn.id 
_struct_conn.conn_type_id 
_struct_conn.pdbx_leaving_atom_flag 
_struct_conn.pdbx_PDB_id 
_struct_conn.ptnr1_label_asym_id 
_struct_conn.ptnr1_label_comp_id 
_struct_conn.ptnr1_label_seq_id 
_struct_conn.ptnr1_label_atom_id 
_struct_conn.pdbx_ptnr1_label_alt_id 
_struct_conn.pdbx_ptnr1_PDB_ins_code 
_struct_conn.pdbx_ptnr1_standard_comp_id 
_struct_conn.ptnr1_symmetry 
_struct_conn.ptnr2_label_asym_id 
_struct_conn.ptnr2_label_comp_id 
_struct_conn.ptnr2_label_seq_id 
_struct_conn.ptnr2_label_atom_id 
_struct_conn.pdbx_ptnr2_label_alt_id 
_struct_conn.pdbx_ptnr2_PDB_ins_code 
_struct_conn.ptnr1_auth_asym_id 
_struct_conn.ptnr1_auth_comp_id 
_struct_conn.ptnr1_auth_seq_id 
_struct_conn.ptnr2_auth_asym_id 
_struct_conn.ptnr2_auth_comp_id 
_struct_conn.ptnr2_auth_seq_id 
_struct_conn.ptnr2_symmetry 
_struct_conn.pdbx_ptnr3_label_atom_id 
_struct_conn.pdbx_ptnr3_label_seq_id 
_struct_conn.pdbx_ptnr3_label_comp_id 
_struct_conn.pdbx_ptnr3_label_asym_id 
_struct_conn.pdbx_ptnr3_label_alt_id 
_struct_conn.pdbx_ptnr3_PDB_ins_code 
_struct_conn.details 
_struct_conn.pdbx_dist_value 
_struct_conn.pdbx_value_order 
_struct_conn.pdbx_role 
covale1  covale both ? A DC  5  "O3'" ? ? ? 1_555 A S6G 6  P  ? ? A DC  5  A S6G 6  1_555 ? ? ? ? ? ? ?                1.617 ? ? 
covale2  covale both ? A S6G 6  "O3'" ? ? ? 1_555 A DC  7  P  ? ? A S6G 6  A DC  7  1_555 ? ? ? ? ? ? ?                1.619 ? ? 
hydrog1  hydrog ?    ? A DC  1  N3    ? ? ? 1_555 B DG  11 N1 ? ? A DC  1  B DG  11 1_555 ? ? ? ? ? ? WATSON-CRICK     ?     ? ? 
hydrog2  hydrog ?    ? A DC  1  N4    ? ? ? 1_555 B DG  11 O6 ? ? A DC  1  B DG  11 1_555 ? ? ? ? ? ? WATSON-CRICK     ?     ? ? 
hydrog3  hydrog ?    ? A DC  1  O2    ? ? ? 1_555 B DG  11 N2 ? ? A DC  1  B DG  11 1_555 ? ? ? ? ? ? WATSON-CRICK     ?     ? ? 
hydrog4  hydrog ?    ? A DG  2  N1    ? ? ? 1_555 B DC  10 N3 ? ? A DG  2  B DC  10 1_555 ? ? ? ? ? ? WATSON-CRICK     ?     ? ? 
hydrog5  hydrog ?    ? A DG  2  N2    ? ? ? 1_555 B DC  10 O2 ? ? A DG  2  B DC  10 1_555 ? ? ? ? ? ? WATSON-CRICK     ?     ? ? 
hydrog6  hydrog ?    ? A DG  2  O6    ? ? ? 1_555 B DC  10 N4 ? ? A DG  2  B DC  10 1_555 ? ? ? ? ? ? WATSON-CRICK     ?     ? ? 
hydrog7  hydrog ?    ? A DT  3  N3    ? ? ? 1_555 B DA  9  N1 ? ? A DT  3  B DA  9  1_555 ? ? ? ? ? ? WATSON-CRICK     ?     ? ? 
hydrog8  hydrog ?    ? A DT  3  O4    ? ? ? 1_555 B DA  9  N6 ? ? A DT  3  B DA  9  1_555 ? ? ? ? ? ? WATSON-CRICK     ?     ? ? 
hydrog9  hydrog ?    ? A DA  4  N1    ? ? ? 1_555 B DT  8  N3 ? ? A DA  4  B DT  8  1_555 ? ? ? ? ? ? WATSON-CRICK     ?     ? ? 
hydrog10 hydrog ?    ? A DA  4  N6    ? ? ? 1_555 B DT  8  O4 ? ? A DA  4  B DT  8  1_555 ? ? ? ? ? ? WATSON-CRICK     ?     ? ? 
hydrog11 hydrog ?    ? A DC  5  N3    ? ? ? 1_555 B DG  7  N1 ? ? A DC  5  B DG  7  1_555 ? ? ? ? ? ? WATSON-CRICK     ?     ? ? 
hydrog12 hydrog ?    ? A DC  5  N4    ? ? ? 1_555 B DG  7  O6 ? ? A DC  5  B DG  7  1_555 ? ? ? ? ? ? WATSON-CRICK     ?     ? ? 
hydrog13 hydrog ?    ? A DC  5  O2    ? ? ? 1_555 B DG  7  N2 ? ? A DC  5  B DG  7  1_555 ? ? ? ? ? ? WATSON-CRICK     ?     ? ? 
hydrog14 hydrog ?    ? A S6G 6  N1    ? ? ? 1_555 B DT  6  O2 ? ? A S6G 6  B DT  6  1_555 ? ? ? ? ? ? 'S6G-DT MISPAIR' ?     ? ? 
hydrog15 hydrog ?    ? A DC  7  N3    ? ? ? 1_555 B DG  5  N1 ? ? A DC  7  B DG  5  1_555 ? ? ? ? ? ? WATSON-CRICK     ?     ? ? 
hydrog16 hydrog ?    ? A DC  7  N4    ? ? ? 1_555 B DG  5  O6 ? ? A DC  7  B DG  5  1_555 ? ? ? ? ? ? WATSON-CRICK     ?     ? ? 
hydrog17 hydrog ?    ? A DC  7  O2    ? ? ? 1_555 B DG  5  N2 ? ? A DC  7  B DG  5  1_555 ? ? ? ? ? ? WATSON-CRICK     ?     ? ? 
hydrog18 hydrog ?    ? A DA  8  N1    ? ? ? 1_555 B DT  4  N3 ? ? A DA  8  B DT  4  1_555 ? ? ? ? ? ? WATSON-CRICK     ?     ? ? 
hydrog19 hydrog ?    ? A DA  8  N6    ? ? ? 1_555 B DT  4  O4 ? ? A DA  8  B DT  4  1_555 ? ? ? ? ? ? WATSON-CRICK     ?     ? ? 
hydrog20 hydrog ?    ? A DT  9  N3    ? ? ? 1_555 B DA  3  N1 ? ? A DT  9  B DA  3  1_555 ? ? ? ? ? ? WATSON-CRICK     ?     ? ? 
hydrog21 hydrog ?    ? A DT  9  O4    ? ? ? 1_555 B DA  3  N6 ? ? A DT  9  B DA  3  1_555 ? ? ? ? ? ? WATSON-CRICK     ?     ? ? 
hydrog22 hydrog ?    ? A DG  10 N1    ? ? ? 1_555 B DC  2  N3 ? ? A DG  10 B DC  2  1_555 ? ? ? ? ? ? WATSON-CRICK     ?     ? ? 
hydrog23 hydrog ?    ? A DG  10 N2    ? ? ? 1_555 B DC  2  O2 ? ? A DG  10 B DC  2  1_555 ? ? ? ? ? ? WATSON-CRICK     ?     ? ? 
hydrog24 hydrog ?    ? A DG  10 O6    ? ? ? 1_555 B DC  2  N4 ? ? A DG  10 B DC  2  1_555 ? ? ? ? ? ? WATSON-CRICK     ?     ? ? 
hydrog25 hydrog ?    ? A DC  11 N3    ? ? ? 1_555 B DG  1  N1 ? ? A DC  11 B DG  1  1_555 ? ? ? ? ? ? WATSON-CRICK     ?     ? ? 
hydrog26 hydrog ?    ? A DC  11 N4    ? ? ? 1_555 B DG  1  O6 ? ? A DC  11 B DG  1  1_555 ? ? ? ? ? ? WATSON-CRICK     ?     ? ? 
hydrog27 hydrog ?    ? A DC  11 O2    ? ? ? 1_555 B DG  1  N2 ? ? A DC  11 B DG  1  1_555 ? ? ? ? ? ? WATSON-CRICK     ?     ? ? 
# 
loop_
_struct_conn_type.id 
_struct_conn_type.criteria 
_struct_conn_type.reference 
covale ? ? 
hydrog ? ? 
# 
loop_
_pdbx_validate_rmsd_bond.id 
_pdbx_validate_rmsd_bond.PDB_model_num 
_pdbx_validate_rmsd_bond.auth_atom_id_1 
_pdbx_validate_rmsd_bond.auth_asym_id_1 
_pdbx_validate_rmsd_bond.auth_comp_id_1 
_pdbx_validate_rmsd_bond.auth_seq_id_1 
_pdbx_validate_rmsd_bond.PDB_ins_code_1 
_pdbx_validate_rmsd_bond.label_alt_id_1 
_pdbx_validate_rmsd_bond.auth_atom_id_2 
_pdbx_validate_rmsd_bond.auth_asym_id_2 
_pdbx_validate_rmsd_bond.auth_comp_id_2 
_pdbx_validate_rmsd_bond.auth_seq_id_2 
_pdbx_validate_rmsd_bond.PDB_ins_code_2 
_pdbx_validate_rmsd_bond.label_alt_id_2 
_pdbx_validate_rmsd_bond.bond_value 
_pdbx_validate_rmsd_bond.bond_target_value 
_pdbx_validate_rmsd_bond.bond_deviation 
_pdbx_validate_rmsd_bond.bond_standard_deviation 
_pdbx_validate_rmsd_bond.linker_flag 
1  1 C4 A DC 1  ? ? N4 A DC 1  ? ? 1.430 1.335 0.095 0.009 N 
2  1 C2 A DG 2  ? ? N2 A DG 2  ? ? 1.421 1.341 0.080 0.010 N 
3  1 C5 A DT 3  ? ? C7 A DT 3  ? ? 1.533 1.496 0.037 0.006 N 
4  1 C6 A DA 4  ? ? N6 A DA 4  ? ? 1.429 1.335 0.094 0.008 N 
5  1 C4 A DC 5  ? ? N4 A DC 5  ? ? 1.430 1.335 0.095 0.009 N 
6  1 C4 A DC 7  ? ? N4 A DC 7  ? ? 1.430 1.335 0.095 0.009 N 
7  1 C6 A DA 8  ? ? N6 A DA 8  ? ? 1.431 1.335 0.096 0.008 N 
8  1 C5 A DT 9  ? ? C7 A DT 9  ? ? 1.534 1.496 0.038 0.006 N 
9  1 C2 A DG 10 ? ? N2 A DG 10 ? ? 1.421 1.341 0.080 0.010 N 
10 1 C4 A DC 11 ? ? N4 A DC 11 ? ? 1.428 1.335 0.093 0.009 N 
11 1 C2 B DG 1  ? ? N2 B DG 1  ? ? 1.422 1.341 0.081 0.010 N 
12 1 C4 B DC 2  ? ? N4 B DC 2  ? ? 1.430 1.335 0.095 0.009 N 
13 1 C6 B DA 3  ? ? N6 B DA 3  ? ? 1.428 1.335 0.093 0.008 N 
14 1 C5 B DT 4  ? ? C7 B DT 4  ? ? 1.532 1.496 0.036 0.006 N 
15 1 C2 B DG 5  ? ? N2 B DG 5  ? ? 1.425 1.341 0.084 0.010 N 
16 1 C5 B DT 6  ? ? C7 B DT 6  ? ? 1.535 1.496 0.039 0.006 N 
17 1 C2 B DG 7  ? ? N2 B DG 7  ? ? 1.422 1.341 0.081 0.010 N 
18 1 C5 B DT 8  ? ? C7 B DT 8  ? ? 1.533 1.496 0.037 0.006 N 
19 1 C6 B DA 9  ? ? N6 B DA 9  ? ? 1.429 1.335 0.094 0.008 N 
20 1 C4 B DC 10 ? ? N4 B DC 10 ? ? 1.429 1.335 0.094 0.009 N 
21 1 C2 B DG 11 ? ? N2 B DG 11 ? ? 1.427 1.341 0.086 0.010 N 
# 
loop_
_pdbx_validate_rmsd_angle.id 
_pdbx_validate_rmsd_angle.PDB_model_num 
_pdbx_validate_rmsd_angle.auth_atom_id_1 
_pdbx_validate_rmsd_angle.auth_asym_id_1 
_pdbx_validate_rmsd_angle.auth_comp_id_1 
_pdbx_validate_rmsd_angle.auth_seq_id_1 
_pdbx_validate_rmsd_angle.PDB_ins_code_1 
_pdbx_validate_rmsd_angle.label_alt_id_1 
_pdbx_validate_rmsd_angle.auth_atom_id_2 
_pdbx_validate_rmsd_angle.auth_asym_id_2 
_pdbx_validate_rmsd_angle.auth_comp_id_2 
_pdbx_validate_rmsd_angle.auth_seq_id_2 
_pdbx_validate_rmsd_angle.PDB_ins_code_2 
_pdbx_validate_rmsd_angle.label_alt_id_2 
_pdbx_validate_rmsd_angle.auth_atom_id_3 
_pdbx_validate_rmsd_angle.auth_asym_id_3 
_pdbx_validate_rmsd_angle.auth_comp_id_3 
_pdbx_validate_rmsd_angle.auth_seq_id_3 
_pdbx_validate_rmsd_angle.PDB_ins_code_3 
_pdbx_validate_rmsd_angle.label_alt_id_3 
_pdbx_validate_rmsd_angle.angle_value 
_pdbx_validate_rmsd_angle.angle_target_value 
_pdbx_validate_rmsd_angle.angle_deviation 
_pdbx_validate_rmsd_angle.angle_standard_deviation 
_pdbx_validate_rmsd_angle.linker_flag 
1  1 N7    A DG 2  ? ? C8    A DG 2  ? ? N9 A DG 2  ? ? 116.12 113.10 3.02  0.50 N 
2  1 "O4'" A DC 5  ? ? "C1'" A DC 5  ? ? N1 A DC 5  ? ? 111.83 108.30 3.53  0.30 N 
3  1 "O4'" A DG 10 ? ? "C1'" A DG 10 ? ? N9 A DG 10 ? ? 110.14 108.30 1.84  0.30 N 
4  1 N7    A DG 10 ? ? C8    A DG 10 ? ? N9 A DG 10 ? ? 116.13 113.10 3.03  0.50 N 
5  1 "O4'" B DG 1  ? ? "C1'" B DG 1  ? ? N9 B DG 1  ? ? 110.84 108.30 2.54  0.30 N 
6  1 N7    B DG 1  ? ? C8    B DG 1  ? ? N9 B DG 1  ? ? 116.23 113.10 3.13  0.50 N 
7  1 "O4'" B DT 4  ? ? "C1'" B DT 4  ? ? N1 B DT 4  ? ? 111.18 108.30 2.88  0.30 N 
8  1 N7    B DG 5  ? ? C8    B DG 5  ? ? N9 B DG 5  ? ? 116.16 113.10 3.06  0.50 N 
9  1 N7    B DG 7  ? ? C8    B DG 7  ? ? N9 B DG 7  ? ? 116.48 113.10 3.38  0.50 N 
10 1 C8    B DG 7  ? ? N9    B DG 7  ? ? C4 B DG 7  ? ? 103.99 106.40 -2.41 0.40 N 
11 1 N7    B DG 11 ? ? C8    B DG 11 ? ? N9 B DG 11 ? ? 116.11 113.10 3.01  0.50 N 
# 
_pdbx_struct_mod_residue.id               1 
_pdbx_struct_mod_residue.label_asym_id    A 
_pdbx_struct_mod_residue.label_comp_id    S6G 
_pdbx_struct_mod_residue.label_seq_id     6 
_pdbx_struct_mod_residue.auth_asym_id     A 
_pdbx_struct_mod_residue.auth_comp_id     S6G 
_pdbx_struct_mod_residue.auth_seq_id      6 
_pdbx_struct_mod_residue.PDB_ins_code     ? 
_pdbx_struct_mod_residue.parent_comp_id   DG 
_pdbx_struct_mod_residue.details          ? 
# 
_pdbx_nmr_ensemble.entry_id                             1KBM 
_pdbx_nmr_ensemble.conformers_calculated_total_number   ? 
_pdbx_nmr_ensemble.conformers_submitted_total_number    1 
_pdbx_nmr_ensemble.conformer_selection_criteria         ? 
# 
loop_
_pdbx_nmr_sample_details.solution_id 
_pdbx_nmr_sample_details.contents 
_pdbx_nmr_sample_details.solvent_system 
1 '2mM DNA, 25mM PHOSPHATE Buffer, 50mM NaCl, 0.5mM EDTA' '100% D2O'           
2 '2mM DNA, 25mM PHOSPHATE Buffer, 50mM NaCl, 0.5mM EDTA' '10 % D2O, 90 % H20' 
# 
loop_
_pdbx_nmr_exptl_sample_conditions.conditions_id 
_pdbx_nmr_exptl_sample_conditions.temperature 
_pdbx_nmr_exptl_sample_conditions.pressure 
_pdbx_nmr_exptl_sample_conditions.pH 
_pdbx_nmr_exptl_sample_conditions.ionic_strength 
_pdbx_nmr_exptl_sample_conditions.pressure_units 
_pdbx_nmr_exptl_sample_conditions.temperature_units 
1 298 AMBIENT 6.78 '25mM PHOSPHATE BUFFER, 50mM NaCl, 0.5mM EDTA' ? K 
2 276 AMBIENT 6.78 '25mM PHOSPHATE BUFFER, 50mM NaCl, 0.5mM EDTA' ? K 
# 
loop_
_pdbx_nmr_exptl.experiment_id 
_pdbx_nmr_exptl.conditions_id 
_pdbx_nmr_exptl.type 
_pdbx_nmr_exptl.solution_id 
1 1 NOESY   1 
2 1 COSY    1 
3 1 DQFCOSY 1 
4 1 COSY45  1 
5 1 TOCSY   1 
6 1 HETCO   1 
7 2 NOESY   2 
# 
_pdbx_nmr_details.entry_id   1KBM 
_pdbx_nmr_details.text       
;THE STRUCTURE WAS DETERMINED USING PROTON NMR FOLLOWED BY DISTANCE RESTRAINED MOLECULAR DYNAMICS SIMULATIONS, AND FURTHER REFINED BY THE FULL-RELAXATION MATRIX BACK-CALCULATION METHOD. 15 STRUCTURES EACH WERE DETERMINED FROM A- AND B-FORM DNA STARTING STRUCTURES. FIVE DIFFERENT STARTING TEMPERATURES AND THREE DIFFERENT LENGTHS OF TIME SPENT AT THE HIGH-TEMPERATURE STEP MAKE UP THE 15 STRUCTURES. 29 OF THE 30 TOTAL STRUCTURES CONVERGED TO AN RMSD OF .52A OR LESS.  THE AVERAGE OF THESE 29 STRUCTURES WAS CALCULATED AND UTILIZED IN THE FULL RELAXATION MATRIX BACK CALCULATIONS.  THE MINIMIZED AVERAGE STRUCTURE FROM THIS LAST STEP IS THE FORM THAT IS DEPOSITED HERE.
;
# 
_pdbx_nmr_refine.entry_id           1KBM 
_pdbx_nmr_refine.method             'RESTRAINED MOLECULAR DYNAMICS SIMULATIONS' 
_pdbx_nmr_refine.details            ? 
_pdbx_nmr_refine.software_ordinal   1 
# 
loop_
_pdbx_nmr_software.classification 
_pdbx_nmr_software.name 
_pdbx_nmr_software.version 
_pdbx_nmr_software.authors 
_pdbx_nmr_software.ordinal 
refinement X-PLOR 3.851       BRUNGER                     1 
processing Felix  '95 AND 98' 'BIOSYM TECHNOLOGIES, INC.' 2 
# 
loop_
_chem_comp_atom.comp_id 
_chem_comp_atom.atom_id 
_chem_comp_atom.type_symbol 
_chem_comp_atom.pdbx_aromatic_flag 
_chem_comp_atom.pdbx_stereo_config 
_chem_comp_atom.pdbx_ordinal 
DA  OP3    O N N 1   
DA  P      P N N 2   
DA  OP1    O N N 3   
DA  OP2    O N N 4   
DA  "O5'"  O N N 5   
DA  "C5'"  C N N 6   
DA  "C4'"  C N R 7   
DA  "O4'"  O N N 8   
DA  "C3'"  C N S 9   
DA  "O3'"  O N N 10  
DA  "C2'"  C N N 11  
DA  "C1'"  C N R 12  
DA  N9     N Y N 13  
DA  C8     C Y N 14  
DA  N7     N Y N 15  
DA  C5     C Y N 16  
DA  C6     C Y N 17  
DA  N6     N N N 18  
DA  N1     N Y N 19  
DA  C2     C Y N 20  
DA  N3     N Y N 21  
DA  C4     C Y N 22  
DA  HOP3   H N N 23  
DA  HOP2   H N N 24  
DA  "H5'"  H N N 25  
DA  "H5''" H N N 26  
DA  "H4'"  H N N 27  
DA  "H3'"  H N N 28  
DA  "HO3'" H N N 29  
DA  "H2'"  H N N 30  
DA  "H2''" H N N 31  
DA  "H1'"  H N N 32  
DA  H8     H N N 33  
DA  H61    H N N 34  
DA  H62    H N N 35  
DA  H2     H N N 36  
DC  OP3    O N N 37  
DC  P      P N N 38  
DC  OP1    O N N 39  
DC  OP2    O N N 40  
DC  "O5'"  O N N 41  
DC  "C5'"  C N N 42  
DC  "C4'"  C N R 43  
DC  "O4'"  O N N 44  
DC  "C3'"  C N S 45  
DC  "O3'"  O N N 46  
DC  "C2'"  C N N 47  
DC  "C1'"  C N R 48  
DC  N1     N N N 49  
DC  C2     C N N 50  
DC  O2     O N N 51  
DC  N3     N N N 52  
DC  C4     C N N 53  
DC  N4     N N N 54  
DC  C5     C N N 55  
DC  C6     C N N 56  
DC  HOP3   H N N 57  
DC  HOP2   H N N 58  
DC  "H5'"  H N N 59  
DC  "H5''" H N N 60  
DC  "H4'"  H N N 61  
DC  "H3'"  H N N 62  
DC  "HO3'" H N N 63  
DC  "H2'"  H N N 64  
DC  "H2''" H N N 65  
DC  "H1'"  H N N 66  
DC  H41    H N N 67  
DC  H42    H N N 68  
DC  H5     H N N 69  
DC  H6     H N N 70  
DG  OP3    O N N 71  
DG  P      P N N 72  
DG  OP1    O N N 73  
DG  OP2    O N N 74  
DG  "O5'"  O N N 75  
DG  "C5'"  C N N 76  
DG  "C4'"  C N R 77  
DG  "O4'"  O N N 78  
DG  "C3'"  C N S 79  
DG  "O3'"  O N N 80  
DG  "C2'"  C N N 81  
DG  "C1'"  C N R 82  
DG  N9     N Y N 83  
DG  C8     C Y N 84  
DG  N7     N Y N 85  
DG  C5     C Y N 86  
DG  C6     C N N 87  
DG  O6     O N N 88  
DG  N1     N N N 89  
DG  C2     C N N 90  
DG  N2     N N N 91  
DG  N3     N N N 92  
DG  C4     C Y N 93  
DG  HOP3   H N N 94  
DG  HOP2   H N N 95  
DG  "H5'"  H N N 96  
DG  "H5''" H N N 97  
DG  "H4'"  H N N 98  
DG  "H3'"  H N N 99  
DG  "HO3'" H N N 100 
DG  "H2'"  H N N 101 
DG  "H2''" H N N 102 
DG  "H1'"  H N N 103 
DG  H8     H N N 104 
DG  H1     H N N 105 
DG  H21    H N N 106 
DG  H22    H N N 107 
DT  OP3    O N N 108 
DT  P      P N N 109 
DT  OP1    O N N 110 
DT  OP2    O N N 111 
DT  "O5'"  O N N 112 
DT  "C5'"  C N N 113 
DT  "C4'"  C N R 114 
DT  "O4'"  O N N 115 
DT  "C3'"  C N S 116 
DT  "O3'"  O N N 117 
DT  "C2'"  C N N 118 
DT  "C1'"  C N R 119 
DT  N1     N N N 120 
DT  C2     C N N 121 
DT  O2     O N N 122 
DT  N3     N N N 123 
DT  C4     C N N 124 
DT  O4     O N N 125 
DT  C5     C N N 126 
DT  C7     C N N 127 
DT  C6     C N N 128 
DT  HOP3   H N N 129 
DT  HOP2   H N N 130 
DT  "H5'"  H N N 131 
DT  "H5''" H N N 132 
DT  "H4'"  H N N 133 
DT  "H3'"  H N N 134 
DT  "HO3'" H N N 135 
DT  "H2'"  H N N 136 
DT  "H2''" H N N 137 
DT  "H1'"  H N N 138 
DT  H3     H N N 139 
DT  H71    H N N 140 
DT  H72    H N N 141 
DT  H73    H N N 142 
DT  H6     H N N 143 
S6G P      P N N 144 
S6G OP1    O N N 145 
S6G OP2    O N N 146 
S6G OP3    O N N 147 
S6G "O5'"  O N N 148 
S6G "C5'"  C N N 149 
S6G "C4'"  C N R 150 
S6G "O4'"  O N N 151 
S6G "C3'"  C N S 152 
S6G "O3'"  O N N 153 
S6G "C2'"  C N N 154 
S6G "C1'"  C N R 155 
S6G N9     N Y N 156 
S6G C8     C Y N 157 
S6G N7     N Y N 158 
S6G C5     C Y N 159 
S6G C6     C N N 160 
S6G S6     S N N 161 
S6G N1     N N N 162 
S6G C2     C N N 163 
S6G N2     N N N 164 
S6G N3     N N N 165 
S6G C4     C Y N 166 
S6G HOP2   H N N 167 
S6G HOP3   H N N 168 
S6G "H5'"  H N N 169 
S6G "H5''" H N N 170 
S6G "H4'"  H N N 171 
S6G "H3'"  H N N 172 
S6G "HO3'" H N N 173 
S6G "H2'"  H N N 174 
S6G "H2''" H N N 175 
S6G "H1'"  H N N 176 
S6G H8     H N N 177 
S6G HN1    H N N 178 
S6G HN21   H N N 179 
S6G HN22   H N N 180 
# 
loop_
_chem_comp_bond.comp_id 
_chem_comp_bond.atom_id_1 
_chem_comp_bond.atom_id_2 
_chem_comp_bond.value_order 
_chem_comp_bond.pdbx_aromatic_flag 
_chem_comp_bond.pdbx_stereo_config 
_chem_comp_bond.pdbx_ordinal 
DA  OP3   P      sing N N 1   
DA  OP3   HOP3   sing N N 2   
DA  P     OP1    doub N N 3   
DA  P     OP2    sing N N 4   
DA  P     "O5'"  sing N N 5   
DA  OP2   HOP2   sing N N 6   
DA  "O5'" "C5'"  sing N N 7   
DA  "C5'" "C4'"  sing N N 8   
DA  "C5'" "H5'"  sing N N 9   
DA  "C5'" "H5''" sing N N 10  
DA  "C4'" "O4'"  sing N N 11  
DA  "C4'" "C3'"  sing N N 12  
DA  "C4'" "H4'"  sing N N 13  
DA  "O4'" "C1'"  sing N N 14  
DA  "C3'" "O3'"  sing N N 15  
DA  "C3'" "C2'"  sing N N 16  
DA  "C3'" "H3'"  sing N N 17  
DA  "O3'" "HO3'" sing N N 18  
DA  "C2'" "C1'"  sing N N 19  
DA  "C2'" "H2'"  sing N N 20  
DA  "C2'" "H2''" sing N N 21  
DA  "C1'" N9     sing N N 22  
DA  "C1'" "H1'"  sing N N 23  
DA  N9    C8     sing Y N 24  
DA  N9    C4     sing Y N 25  
DA  C8    N7     doub Y N 26  
DA  C8    H8     sing N N 27  
DA  N7    C5     sing Y N 28  
DA  C5    C6     sing Y N 29  
DA  C5    C4     doub Y N 30  
DA  C6    N6     sing N N 31  
DA  C6    N1     doub Y N 32  
DA  N6    H61    sing N N 33  
DA  N6    H62    sing N N 34  
DA  N1    C2     sing Y N 35  
DA  C2    N3     doub Y N 36  
DA  C2    H2     sing N N 37  
DA  N3    C4     sing Y N 38  
DC  OP3   P      sing N N 39  
DC  OP3   HOP3   sing N N 40  
DC  P     OP1    doub N N 41  
DC  P     OP2    sing N N 42  
DC  P     "O5'"  sing N N 43  
DC  OP2   HOP2   sing N N 44  
DC  "O5'" "C5'"  sing N N 45  
DC  "C5'" "C4'"  sing N N 46  
DC  "C5'" "H5'"  sing N N 47  
DC  "C5'" "H5''" sing N N 48  
DC  "C4'" "O4'"  sing N N 49  
DC  "C4'" "C3'"  sing N N 50  
DC  "C4'" "H4'"  sing N N 51  
DC  "O4'" "C1'"  sing N N 52  
DC  "C3'" "O3'"  sing N N 53  
DC  "C3'" "C2'"  sing N N 54  
DC  "C3'" "H3'"  sing N N 55  
DC  "O3'" "HO3'" sing N N 56  
DC  "C2'" "C1'"  sing N N 57  
DC  "C2'" "H2'"  sing N N 58  
DC  "C2'" "H2''" sing N N 59  
DC  "C1'" N1     sing N N 60  
DC  "C1'" "H1'"  sing N N 61  
DC  N1    C2     sing N N 62  
DC  N1    C6     sing N N 63  
DC  C2    O2     doub N N 64  
DC  C2    N3     sing N N 65  
DC  N3    C4     doub N N 66  
DC  C4    N4     sing N N 67  
DC  C4    C5     sing N N 68  
DC  N4    H41    sing N N 69  
DC  N4    H42    sing N N 70  
DC  C5    C6     doub N N 71  
DC  C5    H5     sing N N 72  
DC  C6    H6     sing N N 73  
DG  OP3   P      sing N N 74  
DG  OP3   HOP3   sing N N 75  
DG  P     OP1    doub N N 76  
DG  P     OP2    sing N N 77  
DG  P     "O5'"  sing N N 78  
DG  OP2   HOP2   sing N N 79  
DG  "O5'" "C5'"  sing N N 80  
DG  "C5'" "C4'"  sing N N 81  
DG  "C5'" "H5'"  sing N N 82  
DG  "C5'" "H5''" sing N N 83  
DG  "C4'" "O4'"  sing N N 84  
DG  "C4'" "C3'"  sing N N 85  
DG  "C4'" "H4'"  sing N N 86  
DG  "O4'" "C1'"  sing N N 87  
DG  "C3'" "O3'"  sing N N 88  
DG  "C3'" "C2'"  sing N N 89  
DG  "C3'" "H3'"  sing N N 90  
DG  "O3'" "HO3'" sing N N 91  
DG  "C2'" "C1'"  sing N N 92  
DG  "C2'" "H2'"  sing N N 93  
DG  "C2'" "H2''" sing N N 94  
DG  "C1'" N9     sing N N 95  
DG  "C1'" "H1'"  sing N N 96  
DG  N9    C8     sing Y N 97  
DG  N9    C4     sing Y N 98  
DG  C8    N7     doub Y N 99  
DG  C8    H8     sing N N 100 
DG  N7    C5     sing Y N 101 
DG  C5    C6     sing N N 102 
DG  C5    C4     doub Y N 103 
DG  C6    O6     doub N N 104 
DG  C6    N1     sing N N 105 
DG  N1    C2     sing N N 106 
DG  N1    H1     sing N N 107 
DG  C2    N2     sing N N 108 
DG  C2    N3     doub N N 109 
DG  N2    H21    sing N N 110 
DG  N2    H22    sing N N 111 
DG  N3    C4     sing N N 112 
DT  OP3   P      sing N N 113 
DT  OP3   HOP3   sing N N 114 
DT  P     OP1    doub N N 115 
DT  P     OP2    sing N N 116 
DT  P     "O5'"  sing N N 117 
DT  OP2   HOP2   sing N N 118 
DT  "O5'" "C5'"  sing N N 119 
DT  "C5'" "C4'"  sing N N 120 
DT  "C5'" "H5'"  sing N N 121 
DT  "C5'" "H5''" sing N N 122 
DT  "C4'" "O4'"  sing N N 123 
DT  "C4'" "C3'"  sing N N 124 
DT  "C4'" "H4'"  sing N N 125 
DT  "O4'" "C1'"  sing N N 126 
DT  "C3'" "O3'"  sing N N 127 
DT  "C3'" "C2'"  sing N N 128 
DT  "C3'" "H3'"  sing N N 129 
DT  "O3'" "HO3'" sing N N 130 
DT  "C2'" "C1'"  sing N N 131 
DT  "C2'" "H2'"  sing N N 132 
DT  "C2'" "H2''" sing N N 133 
DT  "C1'" N1     sing N N 134 
DT  "C1'" "H1'"  sing N N 135 
DT  N1    C2     sing N N 136 
DT  N1    C6     sing N N 137 
DT  C2    O2     doub N N 138 
DT  C2    N3     sing N N 139 
DT  N3    C4     sing N N 140 
DT  N3    H3     sing N N 141 
DT  C4    O4     doub N N 142 
DT  C4    C5     sing N N 143 
DT  C5    C7     sing N N 144 
DT  C5    C6     doub N N 145 
DT  C7    H71    sing N N 146 
DT  C7    H72    sing N N 147 
DT  C7    H73    sing N N 148 
DT  C6    H6     sing N N 149 
S6G P     OP1    doub N N 150 
S6G P     OP2    sing N N 151 
S6G P     OP3    sing N N 152 
S6G P     "O5'"  sing N N 153 
S6G OP2   HOP2   sing N N 154 
S6G OP3   HOP3   sing N N 155 
S6G "O5'" "C5'"  sing N N 156 
S6G "C5'" "C4'"  sing N N 157 
S6G "C5'" "H5'"  sing N N 158 
S6G "C5'" "H5''" sing N N 159 
S6G "C4'" "O4'"  sing N N 160 
S6G "C4'" "C3'"  sing N N 161 
S6G "C4'" "H4'"  sing N N 162 
S6G "O4'" "C1'"  sing N N 163 
S6G "C3'" "O3'"  sing N N 164 
S6G "C3'" "C2'"  sing N N 165 
S6G "C3'" "H3'"  sing N N 166 
S6G "O3'" "HO3'" sing N N 167 
S6G "C2'" "C1'"  sing N N 168 
S6G "C2'" "H2'"  sing N N 169 
S6G "C2'" "H2''" sing N N 170 
S6G "C1'" N9     sing N N 171 
S6G "C1'" "H1'"  sing N N 172 
S6G N9    C8     sing Y N 173 
S6G N9    C4     sing Y N 174 
S6G C8    N7     doub Y N 175 
S6G C8    H8     sing N N 176 
S6G N7    C5     sing Y N 177 
S6G C5    C6     sing N N 178 
S6G C5    C4     doub Y N 179 
S6G C6    S6     doub N N 180 
S6G C6    N1     sing N N 181 
S6G N1    C2     sing N N 182 
S6G N1    HN1    sing N N 183 
S6G C2    N2     sing N N 184 
S6G C2    N3     doub N N 185 
S6G N2    HN21   sing N N 186 
S6G N2    HN22   sing N N 187 
S6G N3    C4     sing N N 188 
# 
loop_
_ndb_struct_conf_na.entry_id 
_ndb_struct_conf_na.feature 
1KBM 'double helix'         
1KBM 'b-form double helix'  
1KBM 'mismatched base pair' 
# 
loop_
_ndb_struct_na_base_pair.model_number 
_ndb_struct_na_base_pair.i_label_asym_id 
_ndb_struct_na_base_pair.i_label_comp_id 
_ndb_struct_na_base_pair.i_label_seq_id 
_ndb_struct_na_base_pair.i_symmetry 
_ndb_struct_na_base_pair.j_label_asym_id 
_ndb_struct_na_base_pair.j_label_comp_id 
_ndb_struct_na_base_pair.j_label_seq_id 
_ndb_struct_na_base_pair.j_symmetry 
_ndb_struct_na_base_pair.shear 
_ndb_struct_na_base_pair.stretch 
_ndb_struct_na_base_pair.stagger 
_ndb_struct_na_base_pair.buckle 
_ndb_struct_na_base_pair.propeller 
_ndb_struct_na_base_pair.opening 
_ndb_struct_na_base_pair.pair_number 
_ndb_struct_na_base_pair.pair_name 
_ndb_struct_na_base_pair.i_auth_asym_id 
_ndb_struct_na_base_pair.i_auth_seq_id 
_ndb_struct_na_base_pair.i_PDB_ins_code 
_ndb_struct_na_base_pair.j_auth_asym_id 
_ndb_struct_na_base_pair.j_auth_seq_id 
_ndb_struct_na_base_pair.j_PDB_ins_code 
_ndb_struct_na_base_pair.hbond_type_28 
_ndb_struct_na_base_pair.hbond_type_12 
1 A DC  1  1_555 B DG 11 1_555 0.635  -0.251 0.116  -5.921  -4.747 -2.849 1  A_DC1:DG11_B A 1  ? B 11 ? 19 1 
1 A DG  2  1_555 B DC 10 1_555 -0.619 -0.239 0.038  -11.374 -3.913 -1.562 2  A_DG2:DC10_B A 2  ? B 10 ? 19 1 
1 A DT  3  1_555 B DA 9  1_555 -0.213 -0.111 0.268  -11.111 -4.109 -3.156 3  A_DT3:DA9_B  A 3  ? B 9  ? 20 1 
1 A DA  4  1_555 B DT 8  1_555 0.375  -0.070 0.161  -4.195  -3.933 -5.898 4  A_DA4:DT8_B  A 4  ? B 8  ? 20 1 
1 A DC  5  1_555 B DG 7  1_555 1.003  -0.256 -0.061 9.644   -2.883 2.092  5  A_DC5:DG7_B  A 5  ? B 7  ? 19 1 
1 A S6G 6  1_555 B DT 6  1_555 -3.379 -0.188 -0.119 -10.506 -6.131 15.812 6  A_S6G6:DT6_B A 6  ? B 6  ? ?  ? 
1 A DC  7  1_555 B DG 5  1_555 0.761  -0.274 0.169  1.023   -6.444 -0.688 7  A_DC7:DG5_B  A 7  ? B 5  ? 19 1 
1 A DA  8  1_555 B DT 4  1_555 0.015  -0.127 0.106  -8.314  -5.531 -0.396 8  A_DA8:DT4_B  A 8  ? B 4  ? 20 1 
1 A DT  9  1_555 B DA 3  1_555 -0.401 -0.051 0.081  4.016   -6.989 -5.615 9  A_DT9:DA3_B  A 9  ? B 3  ? 20 1 
1 A DG  10 1_555 B DC 2  1_555 -0.688 -0.270 0.448  11.207  2.653  -1.560 10 A_DG10:DC2_B A 10 ? B 2  ? 19 1 
1 A DC  11 1_555 B DG 1  1_555 0.691  -0.263 0.199  2.406   2.705  -0.616 11 A_DC11:DG1_B A 11 ? B 1  ? 19 1 
# 
loop_
_ndb_struct_na_base_pair_step.model_number 
_ndb_struct_na_base_pair_step.i_label_asym_id_1 
_ndb_struct_na_base_pair_step.i_label_comp_id_1 
_ndb_struct_na_base_pair_step.i_label_seq_id_1 
_ndb_struct_na_base_pair_step.i_symmetry_1 
_ndb_struct_na_base_pair_step.j_label_asym_id_1 
_ndb_struct_na_base_pair_step.j_label_comp_id_1 
_ndb_struct_na_base_pair_step.j_label_seq_id_1 
_ndb_struct_na_base_pair_step.j_symmetry_1 
_ndb_struct_na_base_pair_step.i_label_asym_id_2 
_ndb_struct_na_base_pair_step.i_label_comp_id_2 
_ndb_struct_na_base_pair_step.i_label_seq_id_2 
_ndb_struct_na_base_pair_step.i_symmetry_2 
_ndb_struct_na_base_pair_step.j_label_asym_id_2 
_ndb_struct_na_base_pair_step.j_label_comp_id_2 
_ndb_struct_na_base_pair_step.j_label_seq_id_2 
_ndb_struct_na_base_pair_step.j_symmetry_2 
_ndb_struct_na_base_pair_step.shift 
_ndb_struct_na_base_pair_step.slide 
_ndb_struct_na_base_pair_step.rise 
_ndb_struct_na_base_pair_step.tilt 
_ndb_struct_na_base_pair_step.roll 
_ndb_struct_na_base_pair_step.twist 
_ndb_struct_na_base_pair_step.x_displacement 
_ndb_struct_na_base_pair_step.y_displacement 
_ndb_struct_na_base_pair_step.helical_rise 
_ndb_struct_na_base_pair_step.inclination 
_ndb_struct_na_base_pair_step.tip 
_ndb_struct_na_base_pair_step.helical_twist 
_ndb_struct_na_base_pair_step.step_number 
_ndb_struct_na_base_pair_step.step_name 
_ndb_struct_na_base_pair_step.i_auth_asym_id_1 
_ndb_struct_na_base_pair_step.i_auth_seq_id_1 
_ndb_struct_na_base_pair_step.i_PDB_ins_code_1 
_ndb_struct_na_base_pair_step.j_auth_asym_id_1 
_ndb_struct_na_base_pair_step.j_auth_seq_id_1 
_ndb_struct_na_base_pair_step.j_PDB_ins_code_1 
_ndb_struct_na_base_pair_step.i_auth_asym_id_2 
_ndb_struct_na_base_pair_step.i_auth_seq_id_2 
_ndb_struct_na_base_pair_step.i_PDB_ins_code_2 
_ndb_struct_na_base_pair_step.j_auth_asym_id_2 
_ndb_struct_na_base_pair_step.j_auth_seq_id_2 
_ndb_struct_na_base_pair_step.j_PDB_ins_code_2 
1 A DC  1  1_555 B DG 11 1_555 A DG  2  1_555 B DC 10 1_555 0.648  -1.073 2.987 3.699  4.602   33.151 -2.530 -0.575 2.870 7.986   
-6.419 33.659 1  AA_DC1DG2:DC10DG11_BB A 1  ? B 11 ? A 2  ? B 10 ? 
1 A DG  2  1_555 B DC 10 1_555 A DT  3  1_555 B DA 9  1_555 -0.096 -0.934 3.162 1.136  -3.794  41.381 -0.923 0.253  3.228 -5.354  
-1.604 41.561 2  AA_DG2DT3:DA9DC10_BB  A 2  ? B 10 ? A 3  ? B 9  ? 
1 A DT  3  1_555 B DA 9  1_555 A DA  4  1_555 B DT 8  1_555 0.139  -1.056 2.751 2.729  5.485   37.404 -2.203 0.073  2.579 8.483   
-4.221 37.885 3  AA_DT3DA4:DT8DA9_BB   A 3  ? B 9  ? A 4  ? B 8  ? 
1 A DA  4  1_555 B DT 8  1_555 A DC  5  1_555 B DG 7  1_555 0.638  -0.718 2.819 1.815  -0.207  36.179 -1.129 -0.804 2.850 -0.333  
-2.920 36.223 4  AA_DA4DC5:DG7DT8_BB   A 4  ? B 8  ? A 5  ? B 7  ? 
1 A DC  5  1_555 B DG 7  1_555 A S6G 6  1_555 B DT 6  1_555 0.951  -0.555 2.961 1.376  12.615  30.734 -2.838 -1.462 2.580 22.628  
-2.468 33.192 5  AA_DC5S6G6:DT6DG7_BB  A 5  ? B 7  ? A 6  ? B 6  ? 
1 A S6G 6  1_555 B DT 6  1_555 A DC  7  1_555 B DG 5  1_555 -1.279 0.493  2.944 -6.124 1.793   52.412 0.448  1.073  3.079 2.022   
6.904  52.772 6  AA_S6G6DC7:DG5DT6_BB  A 6  ? B 6  ? A 7  ? B 5  ? 
1 A DC  7  1_555 B DG 5  1_555 A DA  8  1_555 B DT 4  1_555 0.100  -0.458 3.021 1.824  6.612   40.649 -1.304 0.037  2.916 9.437   
-2.604 41.199 7  AA_DC7DA8:DT4DG5_BB   A 7  ? B 5  ? A 8  ? B 4  ? 
1 A DA  8  1_555 B DT 4  1_555 A DT  9  1_555 B DA 3  1_555 -0.526 -0.737 2.799 -0.149 1.871   30.962 -1.684 0.960  2.753 3.501   
0.278  31.017 8  AA_DA8DT9:DA3DT4_BB   A 8  ? B 4  ? A 9  ? B 3  ? 
1 A DT  9  1_555 B DA 3  1_555 A DG  10 1_555 B DC 2  1_555 0.482  -0.996 2.679 -4.463 5.087   34.354 -2.261 -1.332 2.431 8.510   
7.467  34.994 9  AA_DT9DG10:DC2DA3_BB  A 9  ? B 3  ? A 10 ? B 2  ? 
1 A DG  10 1_555 B DC 2  1_555 A DC  11 1_555 B DG 1  1_555 0.206  -0.686 3.609 -0.088 -10.901 49.233 0.072  -0.249 3.673 -12.903 
0.104  50.352 10 AA_DG10DC11:DG1DC2_BB A 10 ? B 2  ? A 11 ? B 1  ? 
# 
loop_
_pdbx_nmr_spectrometer.spectrometer_id 
_pdbx_nmr_spectrometer.model 
_pdbx_nmr_spectrometer.manufacturer 
_pdbx_nmr_spectrometer.field_strength 
_pdbx_nmr_spectrometer.type 
1 INOVA Varian 600 ? 
2 INOVA Varian 500 ? 
# 
_atom_sites.entry_id                    1KBM 
_atom_sites.fract_transf_matrix[1][1]   1.000000 
_atom_sites.fract_transf_matrix[1][2]   0.000000 
_atom_sites.fract_transf_matrix[1][3]   0.000000 
_atom_sites.fract_transf_matrix[2][1]   0.000000 
_atom_sites.fract_transf_matrix[2][2]   1.000000 
_atom_sites.fract_transf_matrix[2][3]   0.000000 
_atom_sites.fract_transf_matrix[3][1]   0.000000 
_atom_sites.fract_transf_matrix[3][2]   0.000000 
_atom_sites.fract_transf_matrix[3][3]   1.000000 
_atom_sites.fract_transf_vector[1]      0.000000 
_atom_sites.fract_transf_vector[2]      0.000000 
_atom_sites.fract_transf_vector[3]      0.000000 
# 
loop_
_atom_type.symbol 
C 
H 
N 
O 
P 
S 
# 
loop_
_atom_site.group_PDB 
_atom_site.id 
_atom_site.type_symbol 
_atom_site.label_atom_id 
_atom_site.label_alt_id 
_atom_site.label_comp_id 
_atom_site.label_asym_id 
_atom_site.label_entity_id 
_atom_site.label_seq_id 
_atom_site.pdbx_PDB_ins_code 
_atom_site.Cartn_x 
_atom_site.Cartn_y 
_atom_site.Cartn_z 
_atom_site.occupancy 
_atom_site.B_iso_or_equiv 
_atom_site.pdbx_formal_charge 
_atom_site.auth_seq_id 
_atom_site.auth_comp_id 
_atom_site.auth_asym_id 
_atom_site.auth_atom_id 
_atom_site.pdbx_PDB_model_num 
ATOM   1   O "O5'"  . DC  A 1 1  ? 5.822   6.543   15.565  1.00 1.06 ? 1  DC  A "O5'"  1 
ATOM   2   C "C5'"  . DC  A 1 1  ? 5.423   6.214   16.901  1.00 1.14 ? 1  DC  A "C5'"  1 
ATOM   3   C "C4'"  . DC  A 1 1  ? 4.095   5.446   16.951  1.00 1.15 ? 1  DC  A "C4'"  1 
ATOM   4   O "O4'"  . DC  A 1 1  ? 3.008   6.213   16.393  1.00 1.07 ? 1  DC  A "O4'"  1 
ATOM   5   C "C3'"  . DC  A 1 1  ? 4.112   4.116   16.189  1.00 1.15 ? 1  DC  A "C3'"  1 
ATOM   6   O "O3'"  . DC  A 1 1  ? 3.292   3.135   16.845  1.00 1.22 ? 1  DC  A "O3'"  1 
ATOM   7   C "C2'"  . DC  A 1 1  ? 3.580   4.556   14.840  1.00 1.04 ? 1  DC  A "C2'"  1 
ATOM   8   C "C1'"  . DC  A 1 1  ? 2.446   5.475   15.293  1.00 1.02 ? 1  DC  A "C1'"  1 
ATOM   9   N N1     . DC  A 1 1  ? 2.006   6.418   14.229  1.00 0.92 ? 1  DC  A N1     1 
ATOM   10  C C2     . DC  A 1 1  ? 0.657   6.461   13.896  1.00 0.90 ? 1  DC  A C2     1 
ATOM   11  O O2     . DC  A 1 1  ? -0.177  5.746   14.445  1.00 0.96 ? 1  DC  A O2     1 
ATOM   12  N N3     . DC  A 1 1  ? 0.261   7.324   12.928  1.00 0.81 ? 1  DC  A N3     1 
ATOM   13  C C4     . DC  A 1 1  ? 1.133   8.118   12.303  1.00 0.75 ? 1  DC  A C4     1 
ATOM   14  N N4     . DC  A 1 1  ? 0.650   9.007   11.292  1.00 0.67 ? 1  DC  A N4     1 
ATOM   15  C C5     . DC  A 1 1  ? 2.523   8.090   12.630  1.00 0.78 ? 1  DC  A C5     1 
ATOM   16  C C6     . DC  A 1 1  ? 2.911   7.230   13.593  1.00 0.86 ? 1  DC  A C6     1 
ATOM   17  H "H5'"  . DC  A 1 1  ? 5.311   7.139   17.468  1.00 1.16 ? 1  DC  A "H5'"  1 
ATOM   18  H "H5''" . DC  A 1 1  ? 6.203   5.610   17.363  1.00 1.20 ? 1  DC  A "H5''" 1 
ATOM   19  H "H4'"  . DC  A 1 1  ? 3.861   5.234   17.994  1.00 1.23 ? 1  DC  A "H4'"  1 
ATOM   20  H "H3'"  . DC  A 1 1  ? 5.126   3.719   16.137  1.00 1.18 ? 1  DC  A "H3'"  1 
ATOM   21  H "H2'"  . DC  A 1 1  ? 4.345   5.163   14.357  1.00 1.00 ? 1  DC  A "H2'"  1 
ATOM   22  H "H2''" . DC  A 1 1  ? 3.241   3.748   14.191  1.00 1.04 ? 1  DC  A "H2''" 1 
ATOM   23  H "H1'"  . DC  A 1 1  ? 1.615   4.862   15.646  1.00 1.06 ? 1  DC  A "H1'"  1 
ATOM   24  H H41    . DC  A 1 1  ? -0.341  9.021   11.102  1.00 0.65 ? 1  DC  A H41    1 
ATOM   25  H H42    . DC  A 1 1  ? 1.291   9.602   10.787  1.00 0.63 ? 1  DC  A H42    1 
ATOM   26  H H5     . DC  A 1 1  ? 3.241   8.736   12.124  1.00 0.74 ? 1  DC  A H5     1 
ATOM   27  H H6     . DC  A 1 1  ? 3.966   7.190   13.866  1.00 0.89 ? 1  DC  A H6     1 
ATOM   28  H "HO5'" . DC  A 1 1  ? 5.939   5.714   15.097  1.00 1.48 ? 1  DC  A "HO5'" 1 
ATOM   29  P P      . DG  A 1 2  ? 3.147   1.618   16.302  1.00 1.25 ? 2  DG  A P      1 
ATOM   30  O OP1    . DG  A 1 2  ? 3.031   0.726   17.479  1.00 1.36 ? 2  DG  A OP1    1 
ATOM   31  O OP2    . DG  A 1 2  ? 4.213   1.374   15.303  1.00 1.22 ? 2  DG  A OP2    1 
ATOM   32  O "O5'"  . DG  A 1 2  ? 1.732   1.648   15.529  1.00 1.19 ? 2  DG  A "O5'"  1 
ATOM   33  C "C5'"  . DG  A 1 2  ? 0.486   1.596   16.244  1.00 1.22 ? 2  DG  A "C5'"  1 
ATOM   34  C "C4'"  . DG  A 1 2  ? -0.732  1.600   15.316  1.00 1.16 ? 2  DG  A "C4'"  1 
ATOM   35  O "O4'"  . DG  A 1 2  ? -0.850  2.799   14.525  1.00 1.07 ? 2  DG  A "O4'"  1 
ATOM   36  C "C3'"  . DG  A 1 2  ? -0.784  0.428   14.326  1.00 1.18 ? 2  DG  A "C3'"  1 
ATOM   37  O "O3'"  . DG  A 1 2  ? -2.132  -0.077  14.257  1.00 1.19 ? 2  DG  A "O3'"  1 
ATOM   38  C "C2'"  . DG  A 1 2  ? -0.263  1.093   13.066  1.00 1.09 ? 2  DG  A "C2'"  1 
ATOM   39  C "C1'"  . DG  A 1 2  ? -1.033  2.398   13.158  1.00 1.03 ? 2  DG  A "C1'"  1 
ATOM   40  N N9     . DG  A 1 2  ? -0.550  3.458   12.253  1.00 0.93 ? 2  DG  A N9     1 
ATOM   41  C C8     . DG  A 1 2  ? 0.707   3.946   12.053  1.00 0.92 ? 2  DG  A C8     1 
ATOM   42  N N7     . DG  A 1 2  ? 0.814   4.918   11.193  1.00 0.83 ? 2  DG  A N7     1 
ATOM   43  C C5     . DG  A 1 2  ? -0.506  5.091   10.780  1.00 0.78 ? 2  DG  A C5     1 
ATOM   44  C C6     . DG  A 1 2  ? -1.058  6.004   9.846   1.00 0.69 ? 2  DG  A C6     1 
ATOM   45  O O6     . DG  A 1 2  ? -0.492  6.866   9.181   1.00 0.62 ? 2  DG  A O6     1 
ATOM   46  N N1     . DG  A 1 2  ? -2.427  5.847   9.723   1.00 0.67 ? 2  DG  A N1     1 
ATOM   47  C C2     . DG  A 1 2  ? -3.184  4.925   10.409  1.00 0.74 ? 2  DG  A C2     1 
ATOM   48  N N2     . DG  A 1 2  ? -4.579  4.888   10.140  1.00 0.71 ? 2  DG  A N2     1 
ATOM   49  N N3     . DG  A 1 2  ? -2.674  4.066   11.285  1.00 0.83 ? 2  DG  A N3     1 
ATOM   50  C C4     . DG  A 1 2  ? -1.338  4.205   11.421  1.00 0.85 ? 2  DG  A C4     1 
ATOM   51  H "H5'"  . DG  A 1 2  ? 0.418   2.462   16.903  1.00 1.21 ? 2  DG  A "H5'"  1 
ATOM   52  H "H5''" . DG  A 1 2  ? 0.461   0.690   16.849  1.00 1.29 ? 2  DG  A "H5''" 1 
ATOM   53  H "H4'"  . DG  A 1 2  ? -1.623  1.526   15.938  1.00 1.19 ? 2  DG  A "H4'"  1 
ATOM   54  H "H3'"  . DG  A 1 2  ? -0.146  -0.388  14.662  1.00 1.23 ? 2  DG  A "H3'"  1 
ATOM   55  H "H2'"  . DG  A 1 2  ? 0.797   1.316   13.189  1.00 1.10 ? 2  DG  A "H2'"  1 
ATOM   56  H "H2''" . DG  A 1 2  ? -0.462  0.545   12.146  1.00 1.09 ? 2  DG  A "H2''" 1 
ATOM   57  H "H1'"  . DG  A 1 2  ? -2.088  2.201   12.970  1.00 1.02 ? 2  DG  A "H1'"  1 
ATOM   58  H H8     . DG  A 1 2  ? 1.573   3.548   12.582  1.00 0.98 ? 2  DG  A H8     1 
ATOM   59  H H1     . DG  A 1 2  ? -2.866  6.482   9.071   1.00 0.61 ? 2  DG  A H1     1 
ATOM   60  H H21    . DG  A 1 2  ? -5.012  5.641   9.625   1.00 0.65 ? 2  DG  A H21    1 
ATOM   61  H H22    . DG  A 1 2  ? -5.094  4.089   10.481  1.00 0.76 ? 2  DG  A H22    1 
ATOM   62  P P      . DT  A 1 3  ? -2.683  -1.119  13.148  1.00 1.19 ? 3  DT  A P      1 
ATOM   63  O OP1    . DT  A 1 3  ? -3.565  -2.090  13.837  1.00 1.26 ? 3  DT  A OP1    1 
ATOM   64  O OP2    . DT  A 1 3  ? -1.543  -1.613  12.344  1.00 1.19 ? 3  DT  A OP2    1 
ATOM   65  O "O5'"  . DT  A 1 3  ? -3.595  -0.188  12.193  1.00 1.11 ? 3  DT  A "O5'"  1 
ATOM   66  C "C5'"  . DT  A 1 3  ? -4.866  0.331   12.626  1.00 1.10 ? 3  DT  A "C5'"  1 
ATOM   67  C "C4'"  . DT  A 1 3  ? -5.714  0.865   11.462  1.00 1.02 ? 3  DT  A "C4'"  1 
ATOM   68  O "O4'"  . DT  A 1 3  ? -5.088  1.953   10.755  1.00 0.92 ? 3  DT  A "O4'"  1 
ATOM   69  C "C3'"  . DT  A 1 3  ? -6.057  -0.192  10.405  1.00 1.03 ? 3  DT  A "C3'"  1 
ATOM   70  O "O3'"  . DT  A 1 3  ? -7.380  0.008   9.877   1.00 1.00 ? 3  DT  A "O3'"  1 
ATOM   71  C "C2'"  . DT  A 1 3  ? -4.925  0.022   9.425   1.00 0.99 ? 3  DT  A "C2'"  1 
ATOM   72  C "C1'"  . DT  A 1 3  ? -4.913  1.549   9.383   1.00 0.89 ? 3  DT  A "C1'"  1 
ATOM   73  N N1     . DT  A 1 3  ? -3.651  2.124   8.848   1.00 0.83 ? 3  DT  A N1     1 
ATOM   74  C C2     . DT  A 1 3  ? -3.753  3.153   7.924   1.00 0.73 ? 3  DT  A C2     1 
ATOM   75  O O2     . DT  A 1 3  ? -4.819  3.607   7.519   1.00 0.69 ? 3  DT  A O2     1 
ATOM   76  N N3     . DT  A 1 3  ? -2.564  3.667   7.465   1.00 0.68 ? 3  DT  A N3     1 
ATOM   77  C C4     . DT  A 1 3  ? -1.300  3.261   7.826   1.00 0.72 ? 3  DT  A C4     1 
ATOM   78  O O4     . DT  A 1 3  ? -0.326  3.822   7.333   1.00 0.68 ? 3  DT  A O4     1 
ATOM   79  C C5     . DT  A 1 3  ? -1.274  2.185   8.787   1.00 0.83 ? 3  DT  A C5     1 
ATOM   80  C C7     . DT  A 1 3  ? 0.068   1.629   9.273   1.00 0.89 ? 3  DT  A C7     1 
ATOM   81  C C6     . DT  A 1 3  ? -2.422  1.661   9.260   1.00 0.88 ? 3  DT  A C6     1 
ATOM   82  H "H5'"  . DT  A 1 3  ? -4.686  1.148   13.324  1.00 1.09 ? 3  DT  A "H5'"  1 
ATOM   83  H "H5''" . DT  A 1 3  ? -5.425  -0.452  13.137  1.00 1.16 ? 3  DT  A "H5''" 1 
ATOM   84  H "H4'"  . DT  A 1 3  ? -6.652  1.236   11.877  1.00 1.03 ? 3  DT  A "H4'"  1 
ATOM   85  H "H3'"  . DT  A 1 3  ? -6.037  -1.186  10.853  1.00 1.11 ? 3  DT  A "H3'"  1 
ATOM   86  H "H2'"  . DT  A 1 3  ? -4.011  -0.328  9.904   1.00 1.03 ? 3  DT  A "H2'"  1 
ATOM   87  H "H2''" . DT  A 1 3  ? -5.062  -0.433  8.444   1.00 0.98 ? 3  DT  A "H2''" 1 
ATOM   88  H "H1'"  . DT  A 1 3  ? -5.770  1.883   8.797   1.00 0.85 ? 3  DT  A "H1'"  1 
ATOM   89  H H3     . DT  A 1 3  ? -2.630  4.422   6.799   1.00 0.61 ? 3  DT  A H3     1 
ATOM   90  H H71    . DT  A 1 3  ? 0.891   2.166   8.801   1.00 0.91 ? 3  DT  A H71    1 
ATOM   91  H H72    . DT  A 1 3  ? 0.145   1.740   10.354  1.00 0.93 ? 3  DT  A H72    1 
ATOM   92  H H73    . DT  A 1 3  ? 0.139   0.572   9.016   1.00 1.41 ? 3  DT  A H73    1 
ATOM   93  H H6     . DT  A 1 3  ? -2.360  0.853   9.988   1.00 0.96 ? 3  DT  A H6     1 
ATOM   94  P P      . DA  A 1 4  ? -7.971  -0.836  8.628   1.00 1.01 ? 4  DA  A P      1 
ATOM   95  O OP1    . DA  A 1 4  ? -9.430  -0.986  8.831   1.00 1.04 ? 4  DA  A OP1    1 
ATOM   96  O OP2    . DA  A 1 4  ? -7.137  -2.045  8.432   1.00 1.09 ? 4  DA  A OP2    1 
ATOM   97  O "O5'"  . DA  A 1 4  ? -7.722  0.146   7.368   1.00 0.90 ? 4  DA  A "O5'"  1 
ATOM   98  C "C5'"  . DA  A 1 4  ? -8.584  1.267   7.107   1.00 0.81 ? 4  DA  A "C5'"  1 
ATOM   99  C "C4'"  . DA  A 1 4  ? -8.291  1.952   5.766   1.00 0.73 ? 4  DA  A "C4'"  1 
ATOM   100 O "O4'"  . DA  A 1 4  ? -6.982  2.550   5.689   1.00 0.68 ? 4  DA  A "O4'"  1 
ATOM   101 C "C3'"  . DA  A 1 4  ? -8.420  1.032   4.544   1.00 0.78 ? 4  DA  A "C3'"  1 
ATOM   102 O "O3'"  . DA  A 1 4  ? -9.116  1.709   3.482   1.00 0.73 ? 4  DA  A "O3'"  1 
ATOM   103 C "C2'"  . DA  A 1 4  ? -6.959  0.725   4.263   1.00 0.81 ? 4  DA  A "C2'"  1 
ATOM   104 C "C1'"  . DA  A 1 4  ? -6.367  2.112   4.468   1.00 0.70 ? 4  DA  A "C1'"  1 
ATOM   105 N N9     . DA  A 1 4  ? -4.899  2.106   4.632   1.00 0.71 ? 4  DA  A N9     1 
ATOM   106 C C8     . DA  A 1 4  ? -4.107  1.259   5.350   1.00 0.79 ? 4  DA  A C8     1 
ATOM   107 N N7     . DA  A 1 4  ? -2.832  1.504   5.325   1.00 0.78 ? 4  DA  A N7     1 
ATOM   108 C C5     . DA  A 1 4  ? -2.768  2.631   4.506   1.00 0.69 ? 4  DA  A C5     1 
ATOM   109 C C6     . DA  A 1 4  ? -1.697  3.412   4.064   1.00 0.64 ? 4  DA  A C6     1 
ATOM   110 N N6     . DA  A 1 4  ? -0.342  3.142   4.428   1.00 0.68 ? 4  DA  A N6     1 
ATOM   111 N N1     . DA  A 1 4  ? -1.976  4.453   3.265   1.00 0.56 ? 4  DA  A N1     1 
ATOM   112 C C2     . DA  A 1 4  ? -3.235  4.706   2.925   1.00 0.53 ? 4  DA  A C2     1 
ATOM   113 N N3     . DA  A 1 4  ? -4.325  4.044   3.278   1.00 0.57 ? 4  DA  A N3     1 
ATOM   114 C C4     . DA  A 1 4  ? -4.016  3.003   4.080   1.00 0.65 ? 4  DA  A C4     1 
ATOM   115 H "H5'"  . DA  A 1 4  ? -8.459  2.002   7.903   1.00 0.79 ? 4  DA  A "H5'"  1 
ATOM   116 H "H5''" . DA  A 1 4  ? -9.618  0.925   7.102   1.00 0.84 ? 4  DA  A "H5''" 1 
ATOM   117 H "H4'"  . DA  A 1 4  ? -9.022  2.750   5.638   1.00 0.67 ? 4  DA  A "H4'"  1 
ATOM   118 H "H3'"  . DA  A 1 4  ? -8.992  0.138   4.797   1.00 0.85 ? 4  DA  A "H3'"  1 
ATOM   119 H "H2'"  . DA  A 1 4  ? -6.581  0.080   5.057   1.00 0.87 ? 4  DA  A "H2'"  1 
ATOM   120 H "H2''" . DA  A 1 4  ? -6.756  0.316   3.274   1.00 0.85 ? 4  DA  A "H2''" 1 
ATOM   121 H "H1'"  . DA  A 1 4  ? -6.660  2.760   3.642   1.00 0.66 ? 4  DA  A "H1'"  1 
ATOM   122 H H8     . DA  A 1 4  ? -4.516  0.421   5.915   1.00 0.85 ? 4  DA  A H8     1 
ATOM   123 H H61    . DA  A 1 4  ? 0.388   3.763   4.109   1.00 0.64 ? 4  DA  A H61    1 
ATOM   124 H H62    . DA  A 1 4  ? -0.127  2.337   4.998   1.00 0.75 ? 4  DA  A H62    1 
ATOM   125 H H2     . DA  A 1 4  ? -3.389  5.566   2.274   1.00 0.48 ? 4  DA  A H2     1 
ATOM   126 P P      . DC  A 1 5  ? -9.345  1.091   2.006   1.00 0.81 ? 5  DC  A P      1 
ATOM   127 O OP1    . DC  A 1 5  ? -10.717 1.439   1.570   1.00 0.82 ? 5  DC  A OP1    1 
ATOM   128 O OP2    . DC  A 1 5  ? -8.917  -0.328  2.005   1.00 0.92 ? 5  DC  A OP2    1 
ATOM   129 O "O5'"  . DC  A 1 5  ? -8.296  1.922   1.105   1.00 0.76 ? 5  DC  A "O5'"  1 
ATOM   130 C "C5'"  . DC  A 1 5  ? -8.505  3.306   0.775   1.00 0.68 ? 5  DC  A "C5'"  1 
ATOM   131 C "C4'"  . DC  A 1 5  ? -7.397  3.873   -0.122  1.00 0.68 ? 5  DC  A "C4'"  1 
ATOM   132 O "O4'"  . DC  A 1 5  ? -6.106  3.777   0.516   1.00 0.64 ? 5  DC  A "O4'"  1 
ATOM   133 C "C3'"  . DC  A 1 5  ? -7.259  3.151   -1.475  1.00 0.81 ? 5  DC  A "C3'"  1 
ATOM   134 O "O3'"  . DC  A 1 5  ? -6.739  4.037   -2.485  1.00 0.84 ? 5  DC  A "O3'"  1 
ATOM   135 C "C2'"  . DC  A 1 5  ? -6.260  2.079   -1.090  1.00 0.85 ? 5  DC  A "C2'"  1 
ATOM   136 C "C1'"  . DC  A 1 5  ? -5.278  2.964   -0.326  1.00 0.74 ? 5  DC  A "C1'"  1 
ATOM   137 N N1     . DC  A 1 5  ? -4.232  2.251   0.449   1.00 0.76 ? 5  DC  A N1     1 
ATOM   138 C C2     . DC  A 1 5  ? -2.970  2.823   0.468   1.00 0.73 ? 5  DC  A C2     1 
ATOM   139 O O2     . DC  A 1 5  ? -2.728  3.875   -0.118  1.00 0.68 ? 5  DC  A O2     1 
ATOM   140 N N3     . DC  A 1 5  ? -1.987  2.203   1.158   1.00 0.76 ? 5  DC  A N3     1 
ATOM   141 C C4     . DC  A 1 5  ? -2.212  1.064   1.811   1.00 0.83 ? 5  DC  A C4     1 
ATOM   142 N N4     . DC  A 1 5  ? -1.115  0.474   2.513   1.00 0.88 ? 5  DC  A N4     1 
ATOM   143 C C5     . DC  A 1 5  ? -3.506  0.451   1.809   1.00 0.86 ? 5  DC  A C5     1 
ATOM   144 C C6     . DC  A 1 5  ? -4.482  1.078   1.117   1.00 0.83 ? 5  DC  A C6     1 
ATOM   145 H "H5'"  . DC  A 1 5  ? -8.531  3.888   1.696   1.00 0.61 ? 5  DC  A "H5'"  1 
ATOM   146 H "H5''" . DC  A 1 5  ? -9.461  3.412   0.264   1.00 0.72 ? 5  DC  A "H5''" 1 
ATOM   147 H "H4'"  . DC  A 1 5  ? -7.611  4.925   -0.316  1.00 0.64 ? 5  DC  A "H4'"  1 
ATOM   148 H "H3'"  . DC  A 1 5  ? -8.219  2.757   -1.808  1.00 0.86 ? 5  DC  A "H3'"  1 
ATOM   149 H "H2'"  . DC  A 1 5  ? -6.739  1.383   -0.401  1.00 0.86 ? 5  DC  A "H2'"  1 
ATOM   150 H "H2''" . DC  A 1 5  ? -5.796  1.562   -1.930  1.00 0.93 ? 5  DC  A "H2''" 1 
ATOM   151 H "H1'"  . DC  A 1 5  ? -4.797  3.614   -1.057  1.00 0.74 ? 5  DC  A "H1'"  1 
ATOM   152 H H41    . DC  A 1 5  ? -0.223  0.947   2.462   1.00 0.85 ? 5  DC  A H41    1 
ATOM   153 H H42    . DC  A 1 5  ? -1.234  -0.382  3.036   1.00 0.95 ? 5  DC  A H42    1 
ATOM   154 H H5     . DC  A 1 5  ? -3.697  -0.481  2.343   1.00 0.92 ? 5  DC  A H5     1 
ATOM   155 H H6     . DC  A 1 5  ? -5.477  0.634   1.101   1.00 0.86 ? 5  DC  A H6     1 
HETATM 156 P P      . S6G A 1 6  ? -6.583  3.622   -4.041  1.00 0.94 ? 6  S6G A P      1 
HETATM 157 O OP1    . S6G A 1 6  ? -7.692  4.245   -4.798  1.00 1.12 ? 6  S6G A OP1    1 
HETATM 158 O OP2    . S6G A 1 6  ? -6.369  2.157   -4.127  1.00 1.05 ? 6  S6G A OP2    1 
HETATM 159 O "O5'"  . S6G A 1 6  ? -5.203  4.339   -4.471  1.00 0.77 ? 6  S6G A "O5'"  1 
HETATM 160 C "C5'"  . S6G A 1 6  ? -5.068  5.758   -4.655  1.00 0.76 ? 6  S6G A "C5'"  1 
HETATM 161 C "C4'"  . S6G A 1 6  ? -3.653  6.157   -5.116  1.00 0.69 ? 6  S6G A "C4'"  1 
HETATM 162 O "O4'"  . S6G A 1 6  ? -2.652  5.749   -4.161  1.00 0.60 ? 6  S6G A "O4'"  1 
HETATM 163 C "C3'"  . S6G A 1 6  ? -3.223  5.524   -6.446  1.00 0.69 ? 6  S6G A "C3'"  1 
HETATM 164 O "O3'"  . S6G A 1 6  ? -2.232  6.327   -7.118  1.00 0.68 ? 6  S6G A "O3'"  1 
HETATM 165 C "C2'"  . S6G A 1 6  ? -2.692  4.203   -5.934  1.00 0.63 ? 6  S6G A "C2'"  1 
HETATM 166 C "C1'"  . S6G A 1 6  ? -1.863  4.697   -4.749  1.00 0.54 ? 6  S6G A "C1'"  1 
HETATM 167 N N9     . S6G A 1 6  ? -1.660  3.637   -3.740  1.00 0.48 ? 6  S6G A N9     1 
HETATM 168 C C8     . S6G A 1 6  ? -2.588  2.836   -3.139  1.00 0.55 ? 6  S6G A C8     1 
HETATM 169 N N7     . S6G A 1 6  ? -2.134  1.984   -2.271  1.00 0.55 ? 6  S6G A N7     1 
HETATM 170 C C5     . S6G A 1 6  ? -0.764  2.241   -2.294  1.00 0.46 ? 6  S6G A C5     1 
HETATM 171 C C6     . S6G A 1 6  ? 0.277   1.628   -1.558  1.00 0.49 ? 6  S6G A C6     1 
HETATM 172 S S6     . S6G A 1 6  ? 0.150   0.369   -0.396  1.00 0.64 ? 6  S6G A S6     1 
HETATM 173 N N1     . S6G A 1 6  ? 1.516   2.168   -1.867  1.00 0.45 ? 6  S6G A N1     1 
HETATM 174 C C2     . S6G A 1 6  ? 1.730   3.178   -2.778  1.00 0.40 ? 6  S6G A C2     1 
HETATM 175 N N2     . S6G A 1 6  ? 3.079   3.594   -2.966  1.00 0.47 ? 6  S6G A N2     1 
HETATM 176 N N3     . S6G A 1 6  ? 0.752   3.760   -3.476  1.00 0.37 ? 6  S6G A N3     1 
HETATM 177 C C4     . S6G A 1 6  ? -0.465  3.244   -3.185  1.00 0.40 ? 6  S6G A C4     1 
HETATM 178 H "H5'"  . S6G A 1 6  ? -5.275  6.257   -3.709  1.00 0.74 ? 6  S6G A "H5'"  1 
HETATM 179 H "H5''" . S6G A 1 6  ? -5.790  6.093   -5.399  1.00 0.87 ? 6  S6G A "H5''" 1 
HETATM 180 H "H4'"  . S6G A 1 6  ? -3.618  7.243   -5.214  1.00 0.73 ? 6  S6G A "H4'"  1 
HETATM 181 H "H3'"  . S6G A 1 6  ? -4.079  5.412   -7.111  1.00 0.79 ? 6  S6G A "H3'"  1 
HETATM 182 H "H2'"  . S6G A 1 6  ? -3.535  3.628   -5.552  1.00 0.69 ? 6  S6G A "H2'"  1 
HETATM 183 H "H2''" . S6G A 1 6  ? -2.121  3.626   -6.661  1.00 0.62 ? 6  S6G A "H2''" 1 
HETATM 184 H "H1'"  . S6G A 1 6  ? -0.912  5.091   -5.105  1.00 0.51 ? 6  S6G A "H1'"  1 
HETATM 185 H H8     . S6G A 1 6  ? -3.651  2.905   -3.369  1.00 0.65 ? 6  S6G A H8     1 
HETATM 186 H HN1    . S6G A 1 6  ? 2.303   1.774   -1.373  1.00 0.54 ? 6  S6G A HN1    1 
HETATM 187 H HN21   . S6G A 1 6  ? 3.278   4.254   -3.705  1.00 0.50 ? 6  S6G A HN21   1 
HETATM 188 H HN22   . S6G A 1 6  ? 3.808   3.232   -2.367  1.00 0.54 ? 6  S6G A HN22   1 
ATOM   189 P P      . DC  A 1 7  ? -1.519  5.892   -8.505  1.00 0.65 ? 7  DC  A P      1 
ATOM   190 O OP1    . DC  A 1 7  ? -1.324  7.115   -9.317  1.00 0.70 ? 7  DC  A OP1    1 
ATOM   191 O OP2    . DC  A 1 7  ? -2.264  4.750   -9.085  1.00 0.69 ? 7  DC  A OP2    1 
ATOM   192 O "O5'"  . DC  A 1 7  ? -0.071  5.346   -8.040  1.00 0.56 ? 7  DC  A "O5'"  1 
ATOM   193 C "C5'"  . DC  A 1 7  ? 1.014   6.231   -7.709  1.00 0.58 ? 7  DC  A "C5'"  1 
ATOM   194 C "C4'"  . DC  A 1 7  ? 2.352   5.499   -7.510  1.00 0.52 ? 7  DC  A "C4'"  1 
ATOM   195 O "O4'"  . DC  A 1 7  ? 2.287   4.543   -6.433  1.00 0.49 ? 7  DC  A "O4'"  1 
ATOM   196 C "C3'"  . DC  A 1 7  ? 2.827   4.710   -8.739  1.00 0.43 ? 7  DC  A "C3'"  1 
ATOM   197 O "O3'"  . DC  A 1 7  ? 4.262   4.612   -8.769  1.00 0.44 ? 7  DC  A "O3'"  1 
ATOM   198 C "C2'"  . DC  A 1 7  ? 2.137   3.387   -8.479  1.00 0.34 ? 7  DC  A "C2'"  1 
ATOM   199 C "C1'"  . DC  A 1 7  ? 2.461   3.230   -6.993  1.00 0.39 ? 7  DC  A "C1'"  1 
ATOM   200 N N1     . DC  A 1 7  ? 1.592   2.271   -6.261  1.00 0.40 ? 7  DC  A N1     1 
ATOM   201 C C2     . DC  A 1 7  ? 2.194   1.434   -5.331  1.00 0.44 ? 7  DC  A C2     1 
ATOM   202 O O2     . DC  A 1 7  ? 3.403   1.459   -5.121  1.00 0.46 ? 7  DC  A O2     1 
ATOM   203 N N3     . DC  A 1 7  ? 1.415   0.566   -4.646  1.00 0.51 ? 7  DC  A N3     1 
ATOM   204 C C4     . DC  A 1 7  ? 0.097   0.504   -4.849  1.00 0.50 ? 7  DC  A C4     1 
ATOM   205 N N4     . DC  A 1 7  ? -0.662  -0.434  -4.081  1.00 0.58 ? 7  DC  A N4     1 
ATOM   206 C C5     . DC  A 1 7  ? -0.544  1.354   -5.801  1.00 0.43 ? 7  DC  A C5     1 
ATOM   207 C C6     . DC  A 1 7  ? 0.240   2.217   -6.479  1.00 0.40 ? 7  DC  A C6     1 
ATOM   208 H "H5'"  . DC  A 1 7  ? 0.769   6.760   -6.787  1.00 0.63 ? 7  DC  A "H5'"  1 
ATOM   209 H "H5''" . DC  A 1 7  ? 1.132   6.961   -8.511  1.00 0.62 ? 7  DC  A "H5''" 1 
ATOM   210 H "H4'"  . DC  A 1 7  ? 3.113   6.239   -7.262  1.00 0.57 ? 7  DC  A "H4'"  1 
ATOM   211 H "H3'"  . DC  A 1 7  ? 2.493   5.193   -9.658  1.00 0.46 ? 7  DC  A "H3'"  1 
ATOM   212 H "H2'"  . DC  A 1 7  ? 1.066   3.548   -8.606  1.00 0.35 ? 7  DC  A "H2'"  1 
ATOM   213 H "H2''" . DC  A 1 7  ? 2.487   2.552   -9.085  1.00 0.27 ? 7  DC  A "H2''" 1 
ATOM   214 H "H1'"  . DC  A 1 7  ? 3.509   2.943   -6.904  1.00 0.38 ? 7  DC  A "H1'"  1 
ATOM   215 H H41    . DC  A 1 7  ? -0.171  -0.994  -3.398  1.00 0.65 ? 7  DC  A H41    1 
ATOM   216 H H42    . DC  A 1 7  ? -1.657  -0.524  -4.223  1.00 0.58 ? 7  DC  A H42    1 
ATOM   217 H H5     . DC  A 1 7  ? -1.619  1.309   -5.972  1.00 0.43 ? 7  DC  A H5     1 
ATOM   218 H H6     . DC  A 1 7  ? -0.226  2.879   -7.209  1.00 0.40 ? 7  DC  A H6     1 
ATOM   219 P P      . DA  A 1 8  ? 5.079   3.825   -9.923  1.00 0.41 ? 8  DA  A P      1 
ATOM   220 O OP1    . DA  A 1 8  ? 6.100   4.746   -10.475 1.00 0.51 ? 8  DA  A OP1    1 
ATOM   221 O OP2    . DA  A 1 8  ? 4.116   3.171   -10.839 1.00 0.34 ? 8  DA  A OP2    1 
ATOM   222 O "O5'"  . DA  A 1 8  ? 5.830   2.665   -9.093  1.00 0.38 ? 8  DA  A "O5'"  1 
ATOM   223 C "C5'"  . DA  A 1 8  ? 6.968   2.927   -8.257  1.00 0.46 ? 8  DA  A "C5'"  1 
ATOM   224 C "C4'"  . DA  A 1 8  ? 7.566   1.639   -7.681  1.00 0.42 ? 8  DA  A "C4'"  1 
ATOM   225 O "O4'"  . DA  A 1 8  ? 6.647   0.918   -6.837  1.00 0.39 ? 8  DA  A "O4'"  1 
ATOM   226 C "C3'"  . DA  A 1 8  ? 8.034   0.651   -8.752  1.00 0.36 ? 8  DA  A "C3'"  1 
ATOM   227 O "O3'"  . DA  A 1 8  ? 9.240   -0.016  -8.351  1.00 0.37 ? 8  DA  A "O3'"  1 
ATOM   228 C "C2'"  . DA  A 1 8  ? 6.797   -0.213  -8.889  1.00 0.26 ? 8  DA  A "C2'"  1 
ATOM   229 C "C1'"  . DA  A 1 8  ? 6.395   -0.370  -7.424  1.00 0.29 ? 8  DA  A "C1'"  1 
ATOM   230 N N9     . DA  A 1 8  ? 4.949   -0.652  -7.266  1.00 0.28 ? 8  DA  A N9     1 
ATOM   231 C C8     . DA  A 1 8  ? 3.883   -0.064  -7.884  1.00 0.28 ? 8  DA  A C8     1 
ATOM   232 N N7     . DA  A 1 8  ? 2.708   -0.500  -7.543  1.00 0.33 ? 8  DA  A N7     1 
ATOM   233 C C5     . DA  A 1 8  ? 3.020   -1.477  -6.602  1.00 0.37 ? 8  DA  A C5     1 
ATOM   234 C C6     . DA  A 1 8  ? 2.223   -2.334  -5.838  1.00 0.46 ? 8  DA  A C6     1 
ATOM   235 N N6     . DA  A 1 8  ? 0.794   -2.338  -5.910  1.00 0.53 ? 8  DA  A N6     1 
ATOM   236 N N1     . DA  A 1 8  ? 2.848   -3.179  -5.006  1.00 0.50 ? 8  DA  A N1     1 
ATOM   237 C C2     . DA  A 1 8  ? 4.172   -3.178  -4.930  1.00 0.44 ? 8  DA  A C2     1 
ATOM   238 N N3     . DA  A 1 8  ? 5.030   -2.420  -5.595  1.00 0.37 ? 8  DA  A N3     1 
ATOM   239 C C4     . DA  A 1 8  ? 4.378   -1.578  -6.427  1.00 0.33 ? 8  DA  A C4     1 
ATOM   240 H "H5'"  . DA  A 1 8  ? 6.663   3.569   -7.430  1.00 0.52 ? 8  DA  A "H5'"  1 
ATOM   241 H "H5''" . DA  A 1 8  ? 7.731   3.442   -8.841  1.00 0.52 ? 8  DA  A "H5''" 1 
ATOM   242 H "H4'"  . DA  A 1 8  ? 8.431   1.912   -7.077  1.00 0.49 ? 8  DA  A "H4'"  1 
ATOM   243 H "H3'"  . DA  A 1 8  ? 8.258   1.186   -9.675  1.00 0.40 ? 8  DA  A "H3'"  1 
ATOM   244 H "H2'"  . DA  A 1 8  ? 6.034   0.394   -9.377  1.00 0.26 ? 8  DA  A "H2'"  1 
ATOM   245 H "H2''" . DA  A 1 8  ? 6.946   -1.163  -9.403  1.00 0.23 ? 8  DA  A "H2''" 1 
ATOM   246 H "H1'"  . DA  A 1 8  ? 7.009   -1.136  -6.950  1.00 0.27 ? 8  DA  A "H1'"  1 
ATOM   247 H H8     . DA  A 1 8  ? 4.003   0.729   -8.623  1.00 0.27 ? 8  DA  A H8     1 
ATOM   248 H H61    . DA  A 1 8  ? 0.261   -2.960  -5.320  1.00 0.61 ? 8  DA  A H61    1 
ATOM   249 H H62    . DA  A 1 8  ? 0.330   -1.715  -6.554  1.00 0.51 ? 8  DA  A H62    1 
ATOM   250 H H2     . DA  A 1 8  ? 4.610   -3.892  -4.232  1.00 0.48 ? 8  DA  A H2     1 
ATOM   251 P P      . DT  A 1 9  ? 10.014  -1.082  -9.288  1.00 0.36 ? 9  DT  A P      1 
ATOM   252 O OP1    . DT  A 1 9  ? 11.470  -0.857  -9.130  1.00 0.44 ? 9  DT  A OP1    1 
ATOM   253 O OP2    . DT  A 1 9  ? 9.417   -1.054  -10.643 1.00 0.37 ? 9  DT  A OP2    1 
ATOM   254 O "O5'"  . DT  A 1 9  ? 9.635   -2.495  -8.610  1.00 0.29 ? 9  DT  A "O5'"  1 
ATOM   255 C "C5'"  . DT  A 1 9  ? 10.260  -2.934  -7.394  1.00 0.31 ? 9  DT  A "C5'"  1 
ATOM   256 C "C4'"  . DT  A 1 9  ? 9.746   -4.298  -6.928  1.00 0.27 ? 9  DT  A "C4'"  1 
ATOM   257 O "O4'"  . DT  A 1 9  ? 8.338   -4.283  -6.620  1.00 0.25 ? 9  DT  A "O4'"  1 
ATOM   258 C "C3'"  . DT  A 1 9  ? 9.966   -5.431  -7.943  1.00 0.29 ? 9  DT  A "C3'"  1 
ATOM   259 O "O3'"  . DT  A 1 9  ? 10.429  -6.630  -7.298  1.00 0.32 ? 9  DT  A "O3'"  1 
ATOM   260 C "C2'"  . DT  A 1 9  ? 8.591   -5.520  -8.572  1.00 0.27 ? 9  DT  A "C2'"  1 
ATOM   261 C "C1'"  . DT  A 1 9  ? 7.716   -5.364  -7.328  1.00 0.25 ? 9  DT  A "C1'"  1 
ATOM   262 N N1     . DT  A 1 9  ? 6.290   -5.033  -7.605  1.00 0.25 ? 9  DT  A N1     1 
ATOM   263 C C2     . DT  A 1 9  ? 5.320   -5.654  -6.827  1.00 0.32 ? 9  DT  A C2     1 
ATOM   264 O O2     . DT  A 1 9  ? 5.573   -6.455  -5.931  1.00 0.37 ? 9  DT  A O2     1 
ATOM   265 N N3     . DT  A 1 9  ? 4.014   -5.321  -7.115  1.00 0.36 ? 9  DT  A N3     1 
ATOM   266 C C4     . DT  A 1 9  ? 3.587   -4.445  -8.084  1.00 0.32 ? 9  DT  A C4     1 
ATOM   267 O O4     . DT  A 1 9  ? 2.385   -4.242  -8.226  1.00 0.37 ? 9  DT  A O4     1 
ATOM   268 C C5     . DT  A 1 9  ? 4.651   -3.842  -8.850  1.00 0.24 ? 9  DT  A C5     1 
ATOM   269 C C7     . DT  A 1 9  ? 4.314   -2.849  -9.970  1.00 0.22 ? 9  DT  A C7     1 
ATOM   270 C C6     . DT  A 1 9  ? 5.938   -4.144  -8.595  1.00 0.22 ? 9  DT  A C6     1 
ATOM   271 H "H5'"  . DT  A 1 9  ? 10.060  -2.207  -6.606  1.00 0.32 ? 9  DT  A "H5'"  1 
ATOM   272 H "H5''" . DT  A 1 9  ? 11.337  -2.996  -7.550  1.00 0.36 ? 9  DT  A "H5''" 1 
ATOM   273 H "H4'"  . DT  A 1 9  ? 10.285  -4.571  -6.020  1.00 0.31 ? 9  DT  A "H4'"  1 
ATOM   274 H "H3'"  . DT  A 1 9  ? 10.728  -5.139  -8.665  1.00 0.34 ? 9  DT  A "H3'"  1 
ATOM   275 H "H2'"  . DT  A 1 9  ? 8.462   -4.634  -9.194  1.00 0.26 ? 9  DT  A "H2'"  1 
ATOM   276 H "H2''" . DT  A 1 9  ? 8.394   -6.439  -9.124  1.00 0.31 ? 9  DT  A "H2''" 1 
ATOM   277 H "H1'"  . DT  A 1 9  ? 7.792   -6.276  -6.737  1.00 0.28 ? 9  DT  A "H1'"  1 
ATOM   278 H H3     . DT  A 1 9  ? 3.294   -5.762  -6.561  1.00 0.43 ? 9  DT  A H3     1 
ATOM   279 H H71    . DT  A 1 9  ? 3.236   -2.701  -10.030 1.00 0.25 ? 9  DT  A H71    1 
ATOM   280 H H72    . DT  A 1 9  ? 4.796   -1.892  -9.774  1.00 0.18 ? 9  DT  A H72    1 
ATOM   281 H H73    . DT  A 1 9  ? 4.673   -3.242  -10.922 1.00 0.25 ? 9  DT  A H73    1 
ATOM   282 H H6     . DT  A 1 9  ? 6.707   -3.661  -9.195  1.00 0.20 ? 9  DT  A H6     1 
ATOM   283 P P      . DG  A 1 10 ? 10.709  -8.015  -8.087  1.00 0.38 ? 10 DG  A P      1 
ATOM   284 O OP1    . DG  A 1 10 ? 11.933  -8.626  -7.520  1.00 0.43 ? 10 DG  A OP1    1 
ATOM   285 O OP2    . DG  A 1 10 ? 10.632  -7.761  -9.545  1.00 0.43 ? 10 DG  A OP2    1 
ATOM   286 O "O5'"  . DG  A 1 10 ? 9.443   -8.925  -7.676  1.00 0.39 ? 10 DG  A "O5'"  1 
ATOM   287 C "C5'"  . DG  A 1 10 ? 9.348   -9.516  -6.370  1.00 0.40 ? 10 DG  A "C5'"  1 
ATOM   288 C "C4'"  . DG  A 1 10 ? 8.070   -10.338 -6.180  1.00 0.45 ? 10 DG  A "C4'"  1 
ATOM   289 O "O4'"  . DG  A 1 10 ? 6.866   -9.550  -6.292  1.00 0.45 ? 10 DG  A "O4'"  1 
ATOM   290 C "C3'"  . DG  A 1 10 ? 7.911   -11.508 -7.160  1.00 0.52 ? 10 DG  A "C3'"  1 
ATOM   291 O "O3'"  . DG  A 1 10 ? 7.413   -12.662 -6.455  1.00 0.58 ? 10 DG  A "O3'"  1 
ATOM   292 C "C2'"  . DG  A 1 10 ? 6.978   -10.890 -8.184  1.00 0.53 ? 10 DG  A "C2'"  1 
ATOM   293 C "C1'"  . DG  A 1 10 ? 6.007   -10.196 -7.242  1.00 0.51 ? 10 DG  A "C1'"  1 
ATOM   294 N N9     . DG  A 1 10 ? 5.144   -9.198  -7.908  1.00 0.50 ? 10 DG  A N9     1 
ATOM   295 C C8     . DG  A 1 10 ? 5.469   -8.167  -8.740  1.00 0.44 ? 10 DG  A C8     1 
ATOM   296 N N7     . DG  A 1 10 ? 4.478   -7.438  -9.162  1.00 0.45 ? 10 DG  A N7     1 
ATOM   297 C C5     . DG  A 1 10 ? 3.383   -8.045  -8.550  1.00 0.51 ? 10 DG  A C5     1 
ATOM   298 C C6     . DG  A 1 10 ? 2.005   -7.715  -8.613  1.00 0.56 ? 10 DG  A C6     1 
ATOM   299 O O6     . DG  A 1 10 ? 1.457   -6.805  -9.226  1.00 0.55 ? 10 DG  A O6     1 
ATOM   300 N N1     . DG  A 1 10 ? 1.237   -8.576  -7.854  1.00 0.65 ? 10 DG  A N1     1 
ATOM   301 C C2     . DG  A 1 10 ? 1.723   -9.632  -7.116  1.00 0.68 ? 10 DG  A C2     1 
ATOM   302 N N2     . DG  A 1 10 ? 0.786   -10.429 -6.406  1.00 0.78 ? 10 DG  A N2     1 
ATOM   303 N N3     . DG  A 1 10 ? 3.013   -9.946  -7.049  1.00 0.63 ? 10 DG  A N3     1 
ATOM   304 C C4     . DG  A 1 10 ? 3.782   -9.115  -7.787  1.00 0.55 ? 10 DG  A C4     1 
ATOM   305 H "H5'"  . DG  A 1 10 ? 9.358   -8.724  -5.622  1.00 0.37 ? 10 DG  A "H5'"  1 
ATOM   306 H "H5''" . DG  A 1 10 ? 10.209  -10.164 -6.208  1.00 0.42 ? 10 DG  A "H5''" 1 
ATOM   307 H "H4'"  . DG  A 1 10 ? 8.092   -10.762 -5.177  1.00 0.47 ? 10 DG  A "H4'"  1 
ATOM   308 H "H3'"  . DG  A 1 10 ? 8.875   -11.778 -7.589  1.00 0.52 ? 10 DG  A "H3'"  1 
ATOM   309 H "H2'"  . DG  A 1 10 ? 7.517   -10.122 -8.738  1.00 0.48 ? 10 DG  A "H2'"  1 
ATOM   310 H "H2''" . DG  A 1 10 ? 6.497   -11.607 -8.851  1.00 0.59 ? 10 DG  A "H2''" 1 
ATOM   311 H "H1'"  . DG  A 1 10 ? 5.397   -10.946 -6.741  1.00 0.57 ? 10 DG  A "H1'"  1 
ATOM   312 H H8     . DG  A 1 10 ? 6.498   -7.964  -9.034  1.00 0.41 ? 10 DG  A H8     1 
ATOM   313 H H1     . DG  A 1 10 ? 0.247   -8.375  -7.869  1.00 0.69 ? 10 DG  A H1     1 
ATOM   314 H H21    . DG  A 1 10 ? -0.178  -10.136 -6.335  1.00 0.81 ? 10 DG  A H21    1 
ATOM   315 H H22    . DG  A 1 10 ? 1.133   -11.282 -5.990  1.00 0.81 ? 10 DG  A H22    1 
ATOM   316 P P      . DC  A 1 11 ? 6.806   -13.999 -7.135  1.00 0.67 ? 11 DC  A P      1 
ATOM   317 O OP1    . DC  A 1 11 ? 7.317   -15.173 -6.389  1.00 0.71 ? 11 DC  A OP1    1 
ATOM   318 O OP2    . DC  A 1 11 ? 6.993   -13.928 -8.602  1.00 0.69 ? 11 DC  A OP2    1 
ATOM   319 O "O5'"  . DC  A 1 11 ? 5.225   -13.867 -6.841  1.00 0.71 ? 11 DC  A "O5'"  1 
ATOM   320 C "C5'"  . DC  A 1 11 ? 4.681   -13.954 -5.512  1.00 0.73 ? 11 DC  A "C5'"  1 
ATOM   321 C "C4'"  . DC  A 1 11 ? 3.155   -14.130 -5.506  1.00 0.80 ? 11 DC  A "C4'"  1 
ATOM   322 O "O4'"  . DC  A 1 11 ? 2.496   -13.051 -6.194  1.00 0.78 ? 11 DC  A "O4'"  1 
ATOM   323 C "C3'"  . DC  A 1 11 ? 2.664   -15.406 -6.203  1.00 0.89 ? 11 DC  A "C3'"  1 
ATOM   324 O "O3'"  . DC  A 1 11 ? 1.364   -15.784 -5.731  1.00 0.97 ? 11 DC  A "O3'"  1 
ATOM   325 C "C2'"  . DC  A 1 11 ? 2.639   -14.927 -7.639  1.00 0.87 ? 11 DC  A "C2'"  1 
ATOM   326 C "C1'"  . DC  A 1 11 ? 1.976   -13.560 -7.437  1.00 0.83 ? 11 DC  A "C1'"  1 
ATOM   327 N N1     . DC  A 1 11 ? 2.267   -12.591 -8.527  1.00 0.78 ? 11 DC  A N1     1 
ATOM   328 C C2     . DC  A 1 11 ? 1.196   -11.929 -9.110  1.00 0.81 ? 11 DC  A C2     1 
ATOM   329 O O2     . DC  A 1 11 ? 0.036   -12.132 -8.758  1.00 0.87 ? 11 DC  A O2     1 
ATOM   330 N N3     . DC  A 1 11 ? 1.451   -11.032 -10.094 1.00 0.77 ? 11 DC  A N3     1 
ATOM   331 C C4     . DC  A 1 11 ? 2.696   -10.783 -10.503 1.00 0.71 ? 11 DC  A C4     1 
ATOM   332 N N4     . DC  A 1 11 ? 2.891   -9.819  -11.539 1.00 0.68 ? 11 DC  A N4     1 
ATOM   333 C C5     . DC  A 1 11 ? 3.814   -11.453 -9.918  1.00 0.69 ? 11 DC  A C5     1 
ATOM   334 C C6     . DC  A 1 11 ? 3.553   -12.344 -8.939  1.00 0.73 ? 11 DC  A C6     1 
ATOM   335 H "H5'"  . DC  A 1 11 ? 4.921   -13.035 -4.979  1.00 0.67 ? 11 DC  A "H5'"  1 
ATOM   336 H "H5''" . DC  A 1 11 ? 5.134   -14.795 -4.988  1.00 0.75 ? 11 DC  A "H5''" 1 
ATOM   337 H "H4'"  . DC  A 1 11 ? 2.817   -14.137 -4.470  1.00 0.83 ? 11 DC  A "H4'"  1 
ATOM   338 H "H3'"  . DC  A 1 11 ? 3.352   -16.235 -6.037  1.00 0.90 ? 11 DC  A "H3'"  1 
ATOM   339 H "HO3'" . DC  A 1 11 ? 1.411   -15.817 -4.773  1.00 1.16 ? 11 DC  A "HO3'" 1 
ATOM   340 H "H2'"  . DC  A 1 11 ? 3.673   -14.782 -7.951  1.00 0.83 ? 11 DC  A "H2'"  1 
ATOM   341 H "H2''" . DC  A 1 11 ? 2.102   -15.564 -8.340  1.00 0.94 ? 11 DC  A "H2''" 1 
ATOM   342 H "H1'"  . DC  A 1 11 ? 0.902   -13.710 -7.332  1.00 0.90 ? 11 DC  A "H1'"  1 
ATOM   343 H H41    . DC  A 1 11 ? 2.078   -9.355  -11.917 1.00 0.70 ? 11 DC  A H41    1 
ATOM   344 H H42    . DC  A 1 11 ? 3.821   -9.614  -11.877 1.00 0.65 ? 11 DC  A H42    1 
ATOM   345 H H5     . DC  A 1 11 ? 4.832   -11.254 -10.253 1.00 0.66 ? 11 DC  A H5     1 
ATOM   346 H H6     . DC  A 1 11 ? 4.388   -12.868 -8.474  1.00 0.71 ? 11 DC  A H6     1 
ATOM   347 O "O5'"  . DG  B 2 1  ? -6.650  -5.704  -14.674 1.00 1.01 ? 1  DG  B "O5'"  1 
ATOM   348 C "C5'"  . DG  B 2 1  ? -7.708  -6.669  -14.659 1.00 1.10 ? 1  DG  B "C5'"  1 
ATOM   349 C "C4'"  . DG  B 2 1  ? -7.608  -7.646  -13.479 1.00 1.12 ? 1  DG  B "C4'"  1 
ATOM   350 O "O4'"  . DG  B 2 1  ? -6.361  -8.372  -13.497 1.00 1.09 ? 1  DG  B "O4'"  1 
ATOM   351 C "C3'"  . DG  B 2 1  ? -7.679  -6.982  -12.097 1.00 1.08 ? 1  DG  B "C3'"  1 
ATOM   352 O "O3'"  . DG  B 2 1  ? -8.286  -7.874  -11.143 1.00 1.15 ? 1  DG  B "O3'"  1 
ATOM   353 C "C2'"  . DG  B 2 1  ? -6.208  -6.718  -11.848 1.00 0.98 ? 1  DG  B "C2'"  1 
ATOM   354 C "C1'"  . DG  B 2 1  ? -5.651  -8.065  -12.284 1.00 1.02 ? 1  DG  B "C1'"  1 
ATOM   355 N N9     . DG  B 2 1  ? -4.196  -8.015  -12.525 1.00 0.94 ? 1  DG  B N9     1 
ATOM   356 C C8     . DG  B 2 1  ? -3.485  -7.321  -13.459 1.00 0.89 ? 1  DG  B C8     1 
ATOM   357 N N7     . DG  B 2 1  ? -2.195  -7.483  -13.436 1.00 0.83 ? 1  DG  B N7     1 
ATOM   358 C C5     . DG  B 2 1  ? -2.030  -8.376  -12.378 1.00 0.84 ? 1  DG  B C5     1 
ATOM   359 C C6     . DG  B 2 1  ? -0.845  -8.947  -11.845 1.00 0.80 ? 1  DG  B C6     1 
ATOM   360 O O6     . DG  B 2 1  ? 0.319   -8.785  -12.196 1.00 0.75 ? 1  DG  B O6     1 
ATOM   361 N N1     . DG  B 2 1  ? -1.118  -9.793  -10.786 1.00 0.84 ? 1  DG  B N1     1 
ATOM   362 C C2     . DG  B 2 1  ? -2.374  -10.062 -10.291 1.00 0.91 ? 1  DG  B C2     1 
ATOM   363 N N2     . DG  B 2 1  ? -2.466  -10.944 -9.180  1.00 0.95 ? 1  DG  B N2     1 
ATOM   364 N N3     . DG  B 2 1  ? -3.488  -9.530  -10.784 1.00 0.95 ? 1  DG  B N3     1 
ATOM   365 C C4     . DG  B 2 1  ? -3.243  -8.701  -11.821 1.00 0.91 ? 1  DG  B C4     1 
ATOM   366 H "H5'"  . DG  B 2 1  ? -7.666  -7.243  -15.585 1.00 1.15 ? 1  DG  B "H5'"  1 
ATOM   367 H "H5''" . DG  B 2 1  ? -8.663  -6.147  -14.612 1.00 1.13 ? 1  DG  B "H5''" 1 
ATOM   368 H "H4'"  . DG  B 2 1  ? -8.425  -8.363  -13.553 1.00 1.20 ? 1  DG  B "H4'"  1 
ATOM   369 H "H3'"  . DG  B 2 1  ? -8.277  -6.071  -12.137 1.00 1.08 ? 1  DG  B "H3'"  1 
ATOM   370 H "H2'"  . DG  B 2 1  ? -5.859  -5.958  -12.548 1.00 0.93 ? 1  DG  B "H2'"  1 
ATOM   371 H "H2''" . DG  B 2 1  ? -5.955  -6.464  -10.819 1.00 0.94 ? 1  DG  B "H2''" 1 
ATOM   372 H "H1'"  . DG  B 2 1  ? -5.884  -8.808  -11.522 1.00 1.06 ? 1  DG  B "H1'"  1 
ATOM   373 H H8     . DG  B 2 1  ? -3.971  -6.668  -14.184 1.00 0.89 ? 1  DG  B H8     1 
ATOM   374 H H1     . DG  B 2 1  ? -0.302  -10.226 -10.379 1.00 0.82 ? 1  DG  B H1     1 
ATOM   375 H H21    . DG  B 2 1  ? -1.656  -11.473 -8.892  1.00 0.93 ? 1  DG  B H21    1 
ATOM   376 H H22    . DG  B 2 1  ? -3.362  -11.001 -8.716  1.00 1.00 ? 1  DG  B H22    1 
ATOM   377 H "HO5'" . DG  B 2 1  ? -6.792  -5.136  -15.435 1.00 1.01 ? 1  DG  B "HO5'" 1 
ATOM   378 P P      . DC  B 2 2  ? -8.438  -7.549  -9.563  1.00 1.14 ? 2  DC  B P      1 
ATOM   379 O OP1    . DC  B 2 2  ? -9.780  -8.009  -9.138  1.00 1.25 ? 2  DC  B OP1    1 
ATOM   380 O OP2    . DC  B 2 2  ? -8.047  -6.139  -9.338  1.00 1.05 ? 2  DC  B OP2    1 
ATOM   381 O "O5'"  . DC  B 2 2  ? -7.325  -8.488  -8.862  1.00 1.11 ? 2  DC  B "O5'"  1 
ATOM   382 C "C5'"  . DC  B 2 2  ? -7.494  -9.908  -8.707  1.00 1.18 ? 2  DC  B "C5'"  1 
ATOM   383 C "C4'"  . DC  B 2 2  ? -6.519  -10.513 -7.682  1.00 1.16 ? 2  DC  B "C4'"  1 
ATOM   384 O "O4'"  . DC  B 2 2  ? -5.134  -10.320 -8.026  1.00 1.07 ? 2  DC  B "O4'"  1 
ATOM   385 C "C3'"  . DC  B 2 2  ? -6.675  -9.967  -6.259  1.00 1.17 ? 2  DC  B "C3'"  1 
ATOM   386 O "O3'"  . DC  B 2 2  ? -6.386  -10.986 -5.288  1.00 1.21 ? 2  DC  B "O3'"  1 
ATOM   387 C "C2'"  . DC  B 2 2  ? -5.712  -8.801  -6.307  1.00 1.07 ? 2  DC  B "C2'"  1 
ATOM   388 C "C1'"  . DC  B 2 2  ? -4.540  -9.453  -7.040  1.00 1.01 ? 2  DC  B "C1'"  1 
ATOM   389 N N1     . DC  B 2 2  ? -3.677  -8.465  -7.742  1.00 0.91 ? 2  DC  B N1     1 
ATOM   390 C C2     . DC  B 2 2  ? -2.305  -8.523  -7.533  1.00 0.84 ? 2  DC  B C2     1 
ATOM   391 O O2     . DC  B 2 2  ? -1.793  -9.355  -6.787  1.00 0.87 ? 2  DC  B O2     1 
ATOM   392 N N3     . DC  B 2 2  ? -1.518  -7.632  -8.183  1.00 0.75 ? 2  DC  B N3     1 
ATOM   393 C C4     . DC  B 2 2  ? -2.034  -6.716  -9.004  1.00 0.73 ? 2  DC  B C4     1 
ATOM   394 N N4     . DC  B 2 2  ? -1.146  -5.810  -9.663  1.00 0.63 ? 2  DC  B N4     1 
ATOM   395 C C5     . DC  B 2 2  ? -3.442  -6.637  -9.233  1.00 0.79 ? 2  DC  B C5     1 
ATOM   396 C C6     . DC  B 2 2  ? -4.220  -7.527  -8.585  1.00 0.88 ? 2  DC  B C6     1 
ATOM   397 H "H5'"  . DC  B 2 2  ? -7.316  -10.385 -9.672  1.00 1.19 ? 2  DC  B "H5'"  1 
ATOM   398 H "H5''" . DC  B 2 2  ? -8.515  -10.124 -8.389  1.00 1.25 ? 2  DC  B "H5''" 1 
ATOM   399 H "H4'"  . DC  B 2 2  ? -6.705  -11.587 -7.648  1.00 1.22 ? 2  DC  B "H4'"  1 
ATOM   400 H "H3'"  . DC  B 2 2  ? -7.702  -9.646  -6.094  1.00 1.22 ? 2  DC  B "H3'"  1 
ATOM   401 H "H2'"  . DC  B 2 2  ? -6.160  -8.048  -6.954  1.00 1.05 ? 2  DC  B "H2'"  1 
ATOM   402 H "H2''" . DC  B 2 2  ? -5.434  -8.378  -5.341  1.00 1.06 ? 2  DC  B "H2''" 1 
ATOM   403 H "H1'"  . DC  B 2 2  ? -3.967  -10.047 -6.329  1.00 1.02 ? 2  DC  B "H1'"  1 
ATOM   404 H H41    . DC  B 2 2  ? -0.154  -5.922  -9.513  1.00 0.59 ? 2  DC  B H41    1 
ATOM   405 H H42    . DC  B 2 2  ? -1.511  -5.083  -10.261 1.00 0.62 ? 2  DC  B H42    1 
ATOM   406 H H5     . DC  B 2 2  ? -3.867  -5.889  -9.904  1.00 0.78 ? 2  DC  B H5     1 
ATOM   407 H H6     . DC  B 2 2  ? -5.298  -7.488  -8.745  1.00 0.94 ? 2  DC  B H6     1 
ATOM   408 P P      . DA  B 2 3  ? -6.343  -10.706 -3.695  1.00 1.22 ? 3  DA  B P      1 
ATOM   409 O OP1    . DA  B 2 3  ? -6.880  -11.906 -3.011  1.00 1.31 ? 3  DA  B OP1    1 
ATOM   410 O OP2    . DA  B 2 3  ? -6.947  -9.382  -3.424  1.00 1.20 ? 3  DA  B OP2    1 
ATOM   411 O "O5'"  . DA  B 2 3  ? -4.761  -10.602 -3.386  1.00 1.15 ? 3  DA  B "O5'"  1 
ATOM   412 C "C5'"  . DA  B 2 3  ? -3.940  -11.772 -3.239  1.00 1.17 ? 3  DA  B "C5'"  1 
ATOM   413 C "C4'"  . DA  B 2 3  ? -2.537  -11.450 -2.713  1.00 1.11 ? 3  DA  B "C4'"  1 
ATOM   414 O "O4'"  . DA  B 2 3  ? -1.762  -10.622 -3.603  1.00 1.01 ? 3  DA  B "O4'"  1 
ATOM   415 C "C3'"  . DA  B 2 3  ? -2.527  -10.748 -1.350  1.00 1.14 ? 3  DA  B "C3'"  1 
ATOM   416 O "O3'"  . DA  B 2 3  ? -1.478  -11.273 -0.521  1.00 1.15 ? 3  DA  B "O3'"  1 
ATOM   417 C "C2'"  . DA  B 2 3  ? -2.369  -9.301  -1.779  1.00 1.06 ? 3  DA  B "C2'"  1 
ATOM   418 C "C1'"  . DA  B 2 3  ? -1.321  -9.465  -2.875  1.00 0.96 ? 3  DA  B "C1'"  1 
ATOM   419 N N9     . DA  B 2 3  ? -1.276  -8.330  -3.822  1.00 0.88 ? 3  DA  B N9     1 
ATOM   420 C C8     . DA  B 2 3  ? -2.302  -7.607  -4.360  1.00 0.90 ? 3  DA  B C8     1 
ATOM   421 N N7     . DA  B 2 3  ? -1.968  -6.670  -5.195  1.00 0.82 ? 3  DA  B N7     1 
ATOM   422 C C5     . DA  B 2 3  ? -0.578  -6.779  -5.215  1.00 0.73 ? 3  DA  B C5     1 
ATOM   423 C C6     . DA  B 2 3  ? 0.410   -6.073  -5.906  1.00 0.62 ? 3  DA  B C6     1 
ATOM   424 N N6     . DA  B 2 3  ? 0.111   -5.009  -6.811  1.00 0.58 ? 3  DA  B N6     1 
ATOM   425 N N1     . DA  B 2 3  ? 1.686   -6.430  -5.701  1.00 0.56 ? 3  DA  B N1     1 
ATOM   426 C C2     . DA  B 2 3  ? 1.968   -7.423  -4.867  1.00 0.61 ? 3  DA  B C2     1 
ATOM   427 N N3     . DA  B 2 3  ? 1.127   -8.162  -4.161  1.00 0.71 ? 3  DA  B N3     1 
ATOM   428 C C4     . DA  B 2 3  ? -0.150  -7.782  -4.385  1.00 0.77 ? 3  DA  B C4     1 
ATOM   429 H "H5'"  . DA  B 2 3  ? -3.844  -12.262 -4.209  1.00 1.16 ? 3  DA  B "H5'"  1 
ATOM   430 H "H5''" . DA  B 2 3  ? -4.422  -12.460 -2.544  1.00 1.25 ? 3  DA  B "H5''" 1 
ATOM   431 H "H4'"  . DA  B 2 3  ? -2.003  -12.393 -2.594  1.00 1.14 ? 3  DA  B "H4'"  1 
ATOM   432 H "H3'"  . DA  B 2 3  ? -3.469  -10.923 -0.831  1.00 1.22 ? 3  DA  B "H3'"  1 
ATOM   433 H "H2'"  . DA  B 2 3  ? -3.299  -8.986  -2.250  1.00 1.07 ? 3  DA  B "H2'"  1 
ATOM   434 H "H2''" . DA  B 2 3  ? -2.062  -8.615  -0.990  1.00 1.05 ? 3  DA  B "H2''" 1 
ATOM   435 H "H1'"  . DA  B 2 3  ? -0.344  -9.645  -2.426  1.00 0.94 ? 3  DA  B "H1'"  1 
ATOM   436 H H8     . DA  B 2 3  ? -3.345  -7.800  -4.109  1.00 0.99 ? 3  DA  B H8     1 
ATOM   437 H H61    . DA  B 2 3  ? 0.867   -4.562  -7.310  1.00 0.50 ? 3  DA  B H61    1 
ATOM   438 H H62    . DA  B 2 3  ? -0.847  -4.717  -6.943  1.00 0.63 ? 3  DA  B H62    1 
ATOM   439 H H2     . DA  B 2 3  ? 3.025   -7.660  -4.747  1.00 0.56 ? 3  DA  B H2     1 
ATOM   440 P P      . DT  B 2 4  ? -1.183  -10.760 0.985   1.00 1.19 ? 4  DT  B P      1 
ATOM   441 O OP1    . DT  B 2 4  ? -0.805  -11.937 1.801   1.00 1.25 ? 4  DT  B OP1    1 
ATOM   442 O OP2    . DT  B 2 4  ? -2.304  -9.898  1.426   1.00 1.27 ? 4  DT  B OP2    1 
ATOM   443 O "O5'"  . DT  B 2 4  ? 0.118   -9.826  0.795   1.00 1.07 ? 4  DT  B "O5'"  1 
ATOM   444 C "C5'"  . DT  B 2 4  ? 1.420   -10.387 0.562   1.00 0.97 ? 4  DT  B "C5'"  1 
ATOM   445 C "C4'"  . DT  B 2 4  ? 2.485   -9.314  0.325   1.00 0.85 ? 4  DT  B "C4'"  1 
ATOM   446 O "O4'"  . DT  B 2 4  ? 2.210   -8.506  -0.838  1.00 0.79 ? 4  DT  B "O4'"  1 
ATOM   447 C "C3'"  . DT  B 2 4  ? 2.681   -8.343  1.503   1.00 0.91 ? 4  DT  B "C3'"  1 
ATOM   448 O "O3'"  . DT  B 2 4  ? 4.073   -8.035  1.692   1.00 0.83 ? 4  DT  B "O3'"  1 
ATOM   449 C "C2'"  . DT  B 2 4  ? 1.863   -7.162  1.026   1.00 0.94 ? 4  DT  B "C2'"  1 
ATOM   450 C "C1'"  . DT  B 2 4  ? 2.307   -7.134  -0.434  1.00 0.80 ? 4  DT  B "C1'"  1 
ATOM   451 N N1     . DT  B 2 4  ? 1.499   -6.255  -1.321  1.00 0.79 ? 4  DT  B N1     1 
ATOM   452 C C2     . DT  B 2 4  ? 2.181   -5.516  -2.275  1.00 0.70 ? 4  DT  B C2     1 
ATOM   453 O O2     . DT  B 2 4  ? 3.400   -5.554  -2.429  1.00 0.62 ? 4  DT  B O2     1 
ATOM   454 N N3     . DT  B 2 4  ? 1.412   -4.709  -3.075  1.00 0.69 ? 4  DT  B N3     1 
ATOM   455 C C4     . DT  B 2 4  ? 0.045   -4.565  -3.025  1.00 0.78 ? 4  DT  B C4     1 
ATOM   456 O O4     . DT  B 2 4  ? -0.507  -3.805  -3.815  1.00 0.77 ? 4  DT  B O4     1 
ATOM   457 C C5     . DT  B 2 4  ? -0.597  -5.367  -2.007  1.00 0.87 ? 4  DT  B C5     1 
ATOM   458 C C7     . DT  B 2 4  ? -2.118  -5.308  -1.831  1.00 0.98 ? 4  DT  B C7     1 
ATOM   459 C C6     . DT  B 2 4  ? 0.133   -6.169  -1.206  1.00 0.88 ? 4  DT  B C6     1 
ATOM   460 H "H5'"  . DT  B 2 4  ? 1.379   -11.025 -0.321  1.00 0.94 ? 4  DT  B "H5'"  1 
ATOM   461 H "H5''" . DT  B 2 4  ? 1.710   -10.990 1.421   1.00 1.01 ? 4  DT  B "H5''" 1 
ATOM   462 H "H4'"  . DT  B 2 4  ? 3.440   -9.815  0.164   1.00 0.78 ? 4  DT  B "H4'"  1 
ATOM   463 H "H3'"  . DT  B 2 4  ? 2.300   -8.779  2.426   1.00 1.00 ? 4  DT  B "H3'"  1 
ATOM   464 H "H2'"  . DT  B 2 4  ? 0.810   -7.437  1.067   1.00 1.02 ? 4  DT  B "H2'"  1 
ATOM   465 H "H2''" . DT  B 2 4  ? 2.061   -6.227  1.552   1.00 0.96 ? 4  DT  B "H2''" 1 
ATOM   466 H "H1'"  . DT  B 2 4  ? 3.352   -6.828  -0.463  1.00 0.72 ? 4  DT  B "H1'"  1 
ATOM   467 H H3     . DT  B 2 4  ? 1.914   -4.168  -3.765  1.00 0.63 ? 4  DT  B H3     1 
ATOM   468 H H71    . DT  B 2 4  ? -2.559  -4.646  -2.577  1.00 1.01 ? 4  DT  B H71    1 
ATOM   469 H H72    . DT  B 2 4  ? -2.541  -6.306  -1.945  1.00 1.20 ? 4  DT  B H72    1 
ATOM   470 H H73    . DT  B 2 4  ? -2.355  -4.933  -0.836  1.00 1.09 ? 4  DT  B H73    1 
ATOM   471 H H6     . DT  B 2 4  ? -0.388  -6.761  -0.452  1.00 0.96 ? 4  DT  B H6     1 
ATOM   472 P P      . DG  B 2 5  ? 4.639   -7.161  2.931   1.00 0.92 ? 5  DG  B P      1 
ATOM   473 O OP1    . DG  B 2 5  ? 5.404   -8.064  3.821   1.00 0.99 ? 5  DG  B OP1    1 
ATOM   474 O OP2    . DG  B 2 5  ? 3.538   -6.344  3.489   1.00 1.06 ? 5  DG  B OP2    1 
ATOM   475 O "O5'"  . DG  B 2 5  ? 5.676   -6.160  2.208   1.00 0.79 ? 5  DG  B "O5'"  1 
ATOM   476 C "C5'"  . DG  B 2 5  ? 6.884   -6.617  1.577   1.00 0.68 ? 5  DG  B "C5'"  1 
ATOM   477 C "C4'"  . DG  B 2 5  ? 7.569   -5.519  0.750   1.00 0.63 ? 5  DG  B "C4'"  1 
ATOM   478 O "O4'"  . DG  B 2 5  ? 6.688   -5.010  -0.272  1.00 0.56 ? 5  DG  B "O4'"  1 
ATOM   479 C "C3'"  . DG  B 2 5  ? 8.003   -4.292  1.558   1.00 0.77 ? 5  DG  B "C3'"  1 
ATOM   480 O "O3'"  . DG  B 2 5  ? 9.121   -3.642  0.927   1.00 0.80 ? 5  DG  B "O3'"  1 
ATOM   481 C "C2'"  . DG  B 2 5  ? 6.725   -3.481  1.505   1.00 0.80 ? 5  DG  B "C2'"  1 
ATOM   482 C "C1'"  . DG  B 2 5  ? 6.403   -3.631  0.026   1.00 0.65 ? 5  DG  B "C1'"  1 
ATOM   483 N N9     . DG  B 2 5  ? 4.992   -3.336  -0.291  1.00 0.66 ? 5  DG  B N9     1 
ATOM   484 C C8     . DG  B 2 5  ? 3.851   -3.887  0.214   1.00 0.74 ? 5  DG  B C8     1 
ATOM   485 N N7     . DG  B 2 5  ? 2.732   -3.442  -0.279  1.00 0.76 ? 5  DG  B N7     1 
ATOM   486 C C5     . DG  B 2 5  ? 3.174   -2.499  -1.205  1.00 0.68 ? 5  DG  B C5     1 
ATOM   487 C C6     . DG  B 2 5  ? 2.430   -1.665  -2.075  1.00 0.67 ? 5  DG  B C6     1 
ATOM   488 O O6     . DG  B 2 5  ? 1.214   -1.593  -2.225  1.00 0.74 ? 5  DG  B O6     1 
ATOM   489 N N1     . DG  B 2 5  ? 3.250   -0.862  -2.841  1.00 0.59 ? 5  DG  B N1     1 
ATOM   490 C C2     . DG  B 2 5  ? 4.626   -0.852  -2.792  1.00 0.54 ? 5  DG  B C2     1 
ATOM   491 N N2     . DG  B 2 5  ? 5.289   0.058   -3.664  1.00 0.51 ? 5  DG  B N2     1 
ATOM   492 N N3     . DG  B 2 5  ? 5.333   -1.634  -1.980  1.00 0.57 ? 5  DG  B N3     1 
ATOM   493 C C4     . DG  B 2 5  ? 4.546   -2.429  -1.218  1.00 0.62 ? 5  DG  B C4     1 
ATOM   494 H "H5'"  . DG  B 2 5  ? 6.644   -7.445  0.911   1.00 0.61 ? 5  DG  B "H5'"  1 
ATOM   495 H "H5''" . DG  B 2 5  ? 7.575   -6.971  2.342   1.00 0.74 ? 5  DG  B "H5''" 1 
ATOM   496 H "H4'"  . DG  B 2 5  ? 8.448   -5.948  0.268   1.00 0.61 ? 5  DG  B "H4'"  1 
ATOM   497 H "H3'"  . DG  B 2 5  ? 8.291   -4.575  2.570   1.00 0.86 ? 5  DG  B "H3'"  1 
ATOM   498 H "H2'"  . DG  B 2 5  ? 5.958   -3.993  2.085   1.00 0.85 ? 5  DG  B "H2'"  1 
ATOM   499 H "H2''" . DG  B 2 5  ? 6.838   -2.440  1.806   1.00 0.89 ? 5  DG  B "H2''" 1 
ATOM   500 H "H1'"  . DG  B 2 5  ? 7.065   -2.987  -0.554  1.00 0.66 ? 5  DG  B "H1'"  1 
ATOM   501 H H8     . DG  B 2 5  ? 3.874   -4.656  0.986   1.00 0.79 ? 5  DG  B H8     1 
ATOM   502 H H1     . DG  B 2 5  ? 2.756   -0.253  -3.478  1.00 0.58 ? 5  DG  B H1     1 
ATOM   503 H H21    . DG  B 2 5  ? 4.729   0.631   -4.278  1.00 0.48 ? 5  DG  B H21    1 
ATOM   504 H H22    . DG  B 2 5  ? 6.298   0.116   -3.658  1.00 0.55 ? 5  DG  B H22    1 
ATOM   505 P P      . DT  B 2 6  ? 9.777   -2.277  1.485   1.00 0.95 ? 6  DT  B P      1 
ATOM   506 O OP1    . DT  B 2 6  ? 11.102  -2.112  0.845   1.00 1.27 ? 6  DT  B OP1    1 
ATOM   507 O OP2    . DT  B 2 6  ? 9.685   -2.287  2.964   1.00 1.22 ? 6  DT  B OP2    1 
ATOM   508 O "O5'"  . DT  B 2 6  ? 8.789   -1.125  0.934   1.00 0.72 ? 6  DT  B "O5'"  1 
ATOM   509 C "C5'"  . DT  B 2 6  ? 8.884   -0.562  -0.387  1.00 0.62 ? 6  DT  B "C5'"  1 
ATOM   510 C "C4'"  . DT  B 2 6  ? 7.976   0.666   -0.567  1.00 0.45 ? 6  DT  B "C4'"  1 
ATOM   511 O "O4'"  . DT  B 2 6  ? 6.579   0.340   -0.421  1.00 0.39 ? 6  DT  B "O4'"  1 
ATOM   512 C "C3'"  . DT  B 2 6  ? 8.260   1.774   0.456   1.00 0.46 ? 6  DT  B "C3'"  1 
ATOM   513 O "O3'"  . DT  B 2 6  ? 7.941   3.080   -0.052  1.00 0.57 ? 6  DT  B "O3'"  1 
ATOM   514 C "C2'"  . DT  B 2 6  ? 7.316   1.340   1.561   1.00 0.48 ? 6  DT  B "C2'"  1 
ATOM   515 C "C1'"  . DT  B 2 6  ? 6.066   1.035   0.727   1.00 0.42 ? 6  DT  B "C1'"  1 
ATOM   516 N N1     . DT  B 2 6  ? 5.006   0.211   1.374   1.00 0.60 ? 6  DT  B N1     1 
ATOM   517 C C2     . DT  B 2 6  ? 3.741   0.244   0.800   1.00 0.68 ? 6  DT  B C2     1 
ATOM   518 O O2     . DT  B 2 6  ? 3.453   0.912   -0.191  1.00 0.63 ? 6  DT  B O2     1 
ATOM   519 N N3     . DT  B 2 6  ? 2.778   -0.530  1.410   1.00 0.92 ? 6  DT  B N3     1 
ATOM   520 C C4     . DT  B 2 6  ? 2.945   -1.326  2.522   1.00 1.08 ? 6  DT  B C4     1 
ATOM   521 O O4     . DT  B 2 6  ? 1.994   -1.965  2.967   1.00 1.30 ? 6  DT  B O4     1 
ATOM   522 C C5     . DT  B 2 6  ? 4.286   -1.307  3.060   1.00 0.99 ? 6  DT  B C5     1 
ATOM   523 C C7     . DT  B 2 6  ? 4.621   -2.148  4.300   1.00 1.20 ? 6  DT  B C7     1 
ATOM   524 C C6     . DT  B 2 6  ? 5.250   -0.560  2.486   1.00 0.77 ? 6  DT  B C6     1 
ATOM   525 H "H5'"  . DT  B 2 6  ? 8.609   -1.314  -1.125  1.00 0.64 ? 6  DT  B "H5'"  1 
ATOM   526 H "H5''" . DT  B 2 6  ? 9.917   -0.258  -0.565  1.00 0.75 ? 6  DT  B "H5''" 1 
ATOM   527 H "H4'"  . DT  B 2 6  ? 8.133   1.068   -1.568  1.00 0.55 ? 6  DT  B "H4'"  1 
ATOM   528 H "H3'"  . DT  B 2 6  ? 9.308   1.754   0.752   1.00 0.58 ? 6  DT  B "H3'"  1 
ATOM   529 H "H2'"  . DT  B 2 6  ? 7.707   0.409   1.971   1.00 0.61 ? 6  DT  B "H2'"  1 
ATOM   530 H "H2''" . DT  B 2 6  ? 7.140   2.083   2.339   1.00 0.59 ? 6  DT  B "H2''" 1 
ATOM   531 H "H1'"  . DT  B 2 6  ? 5.642   1.986   0.402   1.00 0.50 ? 6  DT  B "H1'"  1 
ATOM   532 H H3     . DT  B 2 6  ? 1.856   -0.508  0.998   1.00 1.03 ? 6  DT  B H3     1 
ATOM   533 H H71    . DT  B 2 6  ? 3.742   -2.705  4.624   1.00 1.32 ? 6  DT  B H71    1 
ATOM   534 H H72    . DT  B 2 6  ? 5.419   -2.852  4.064   1.00 1.22 ? 6  DT  B H72    1 
ATOM   535 H H73    . DT  B 2 6  ? 4.947   -1.493  5.107   1.00 1.77 ? 6  DT  B H73    1 
ATOM   536 H H6     . DT  B 2 6  ? 6.243   -0.583  2.934   1.00 0.78 ? 6  DT  B H6     1 
ATOM   537 P P      . DG  B 2 7  ? 8.466   4.416   0.686   1.00 0.95 ? 7  DG  B P      1 
ATOM   538 O OP1    . DG  B 2 7  ? 9.898   4.608   0.357   1.00 1.29 ? 7  DG  B OP1    1 
ATOM   539 O OP2    . DG  B 2 7  ? 8.036   4.369   2.103   1.00 1.48 ? 7  DG  B OP2    1 
ATOM   540 O "O5'"  . DG  B 2 7  ? 7.612   5.571   -0.042  1.00 0.72 ? 7  DG  B "O5'"  1 
ATOM   541 C "C5'"  . DG  B 2 7  ? 7.827   5.983   -1.401  1.00 0.65 ? 7  DG  B "C5'"  1 
ATOM   542 C "C4'"  . DG  B 2 7  ? 6.627   6.764   -1.958  1.00 0.54 ? 7  DG  B "C4'"  1 
ATOM   543 O "O4'"  . DG  B 2 7  ? 5.428   5.963   -1.935  1.00 0.56 ? 7  DG  B "O4'"  1 
ATOM   544 C "C3'"  . DG  B 2 7  ? 6.288   8.032   -1.165  1.00 0.52 ? 7  DG  B "C3'"  1 
ATOM   545 O "O3'"  . DG  B 2 7  ? 5.647   9.027   -1.982  1.00 0.50 ? 7  DG  B "O3'"  1 
ATOM   546 C "C2'"  . DG  B 2 7  ? 5.393   7.439   -0.097  1.00 0.51 ? 7  DG  B "C2'"  1 
ATOM   547 C "C1'"  . DG  B 2 7  ? 4.533   6.501   -0.942  1.00 0.49 ? 7  DG  B "C1'"  1 
ATOM   548 N N9     . DG  B 2 7  ? 3.988   5.379   -0.141  1.00 0.51 ? 7  DG  B N9     1 
ATOM   549 C C8     . DG  B 2 7  ? 4.647   4.470   0.634   1.00 0.54 ? 7  DG  B C8     1 
ATOM   550 N N7     . DG  B 2 7  ? 3.915   3.576   1.228   1.00 0.60 ? 7  DG  B N7     1 
ATOM   551 C C5     . DG  B 2 7  ? 2.634   3.922   0.806   1.00 0.60 ? 7  DG  B C5     1 
ATOM   552 C C6     . DG  B 2 7  ? 1.387   3.321   1.114   1.00 0.66 ? 7  DG  B C6     1 
ATOM   553 O O6     . DG  B 2 7  ? 1.150   2.349   1.825   1.00 0.73 ? 7  DG  B O6     1 
ATOM   554 N N1     . DG  B 2 7  ? 0.342   3.972   0.489   1.00 0.64 ? 7  DG  B N1     1 
ATOM   555 C C2     . DG  B 2 7  ? 0.465   5.070   -0.334  1.00 0.59 ? 7  DG  B C2     1 
ATOM   556 N N2     . DG  B 2 7  ? -0.738  5.597   -0.878  1.00 0.60 ? 7  DG  B N2     1 
ATOM   557 N N3     . DG  B 2 7  ? 1.631   5.641   -0.628  1.00 0.54 ? 7  DG  B N3     1 
ATOM   558 C C4     . DG  B 2 7  ? 2.670   5.019   -0.026  1.00 0.54 ? 7  DG  B C4     1 
ATOM   559 H "H5'"  . DG  B 2 7  ? 7.993   5.107   -2.027  1.00 0.71 ? 7  DG  B "H5'"  1 
ATOM   560 H "H5''" . DG  B 2 7  ? 8.713   6.617   -1.441  1.00 0.72 ? 7  DG  B "H5''" 1 
ATOM   561 H "H4'"  . DG  B 2 7  ? 6.842   7.036   -2.992  1.00 0.59 ? 7  DG  B "H4'"  1 
ATOM   562 H "H3'"  . DG  B 2 7  ? 7.199   8.470   -0.755  1.00 0.61 ? 7  DG  B "H3'"  1 
ATOM   563 H "H2'"  . DG  B 2 7  ? 6.019   6.829   0.553   1.00 0.56 ? 7  DG  B "H2'"  1 
ATOM   564 H "H2''" . DG  B 2 7  ? 4.808   8.162   0.471   1.00 0.55 ? 7  DG  B "H2''" 1 
ATOM   565 H "H1'"  . DG  B 2 7  ? 3.734   7.065   -1.423  1.00 0.48 ? 7  DG  B "H1'"  1 
ATOM   566 H H8     . DG  B 2 7  ? 5.730   4.489   0.752   1.00 0.54 ? 7  DG  B H8     1 
ATOM   567 H H1     . DG  B 2 7  ? -0.565  3.572   0.682   1.00 0.69 ? 7  DG  B H1     1 
ATOM   568 H H21    . DG  B 2 7  ? -1.598  5.103   -0.693  1.00 0.63 ? 7  DG  B H21    1 
ATOM   569 H H22    . DG  B 2 7  ? -0.708  6.442   -1.431  1.00 0.58 ? 7  DG  B H22    1 
ATOM   570 P P      . DT  B 2 8  ? 5.289   10.504  -1.427  1.00 0.53 ? 8  DT  B P      1 
ATOM   571 O OP1    . DT  B 2 8  ? 5.492   11.467  -2.534  1.00 0.58 ? 8  DT  B OP1    1 
ATOM   572 O OP2    . DT  B 2 8  ? 5.998   10.715  -0.144  1.00 0.60 ? 8  DT  B OP2    1 
ATOM   573 O "O5'"  . DT  B 2 8  ? 3.709   10.410  -1.108  1.00 0.46 ? 8  DT  B "O5'"  1 
ATOM   574 C "C5'"  . DT  B 2 8  ? 2.721   10.525  -2.144  1.00 0.46 ? 8  DT  B "C5'"  1 
ATOM   575 C "C4'"  . DT  B 2 8  ? 1.289   10.474  -1.602  1.00 0.39 ? 8  DT  B "C4'"  1 
ATOM   576 O "O4'"  . DT  B 2 8  ? 0.963   9.216   -0.973  1.00 0.38 ? 8  DT  B "O4'"  1 
ATOM   577 C "C3'"  . DT  B 2 8  ? 0.969   11.572  -0.577  1.00 0.33 ? 8  DT  B "C3'"  1 
ATOM   578 O "O3'"  . DT  B 2 8  ? -0.334  12.134  -0.813  1.00 0.32 ? 8  DT  B "O3'"  1 
ATOM   579 C "C2'"  . DT  B 2 8  ? 1.128   10.804  0.720   1.00 0.28 ? 8  DT  B "C2'"  1 
ATOM   580 C "C1'"  . DT  B 2 8  ? 0.442   9.495   0.335   1.00 0.31 ? 8  DT  B "C1'"  1 
ATOM   581 N N1     . DT  B 2 8  ? 0.728   8.349   1.241   1.00 0.34 ? 8  DT  B N1     1 
ATOM   582 C C2     . DT  B 2 8  ? -0.329  7.516   1.581   1.00 0.40 ? 8  DT  B C2     1 
ATOM   583 O O2     . DT  B 2 8  ? -1.480  7.677   1.185   1.00 0.41 ? 8  DT  B O2     1 
ATOM   584 N N3     . DT  B 2 8  ? -0.021  6.463   2.413   1.00 0.45 ? 8  DT  B N3     1 
ATOM   585 C C4     . DT  B 2 8  ? 1.217   6.166   2.933   1.00 0.44 ? 8  DT  B C4     1 
ATOM   586 O O4     . DT  B 2 8  ? 1.347   5.186   3.660   1.00 0.51 ? 8  DT  B O4     1 
ATOM   587 C C5     . DT  B 2 8  ? 2.264   7.076   2.538   1.00 0.37 ? 8  DT  B C5     1 
ATOM   588 C C7     . DT  B 2 8  ? 3.691   6.861   3.055   1.00 0.36 ? 8  DT  B C7     1 
ATOM   589 C C6     . DT  B 2 8  ? 1.996   8.115   1.723   1.00 0.33 ? 8  DT  B C6     1 
ATOM   590 H "H5'"  . DT  B 2 8  ? 2.850   9.707   -2.853  1.00 0.51 ? 8  DT  B "H5'"  1 
ATOM   591 H "H5''" . DT  B 2 8  ? 2.863   11.471  -2.666  1.00 0.50 ? 8  DT  B "H5''" 1 
ATOM   592 H "H4'"  . DT  B 2 8  ? 0.607   10.609  -2.441  1.00 0.43 ? 8  DT  B "H4'"  1 
ATOM   593 H "H3'"  . DT  B 2 8  ? 1.690   12.385  -0.665  1.00 0.36 ? 8  DT  B "H3'"  1 
ATOM   594 H "H2'"  . DT  B 2 8  ? 2.192   10.611  0.857   1.00 0.29 ? 8  DT  B "H2'"  1 
ATOM   595 H "H2''" . DT  B 2 8  ? 0.686   11.280  1.596   1.00 0.25 ? 8  DT  B "H2''" 1 
ATOM   596 H "H1'"  . DT  B 2 8  ? -0.630  9.675   0.269   1.00 0.31 ? 8  DT  B "H1'"  1 
ATOM   597 H H3     . DT  B 2 8  ? -0.775  5.843   2.672   1.00 0.51 ? 8  DT  B H3     1 
ATOM   598 H H71    . DT  B 2 8  ? 3.727   5.982   3.698   1.00 0.60 ? 8  DT  B H71    1 
ATOM   599 H H72    . DT  B 2 8  ? 4.373   6.715   2.218   1.00 0.57 ? 8  DT  B H72    1 
ATOM   600 H H73    . DT  B 2 8  ? 4.007   7.734   3.627   1.00 0.56 ? 8  DT  B H73    1 
ATOM   601 H H6     . DT  B 2 8  ? 2.816   8.777   1.445   1.00 0.30 ? 8  DT  B H6     1 
ATOM   602 P P      . DA  B 2 9  ? -1.034  13.218  0.161   1.00 0.29 ? 9  DA  B P      1 
ATOM   603 O OP1    . DA  B 2 9  ? -1.696  14.235  -0.687  1.00 0.36 ? 9  DA  B OP1    1 
ATOM   604 O OP2    . DA  B 2 9  ? -0.053  13.651  1.184   1.00 0.29 ? 9  DA  B OP2    1 
ATOM   605 O "O5'"  . DA  B 2 9  ? -2.172  12.349  0.907   1.00 0.23 ? 9  DA  B "O5'"  1 
ATOM   606 C "C5'"  . DA  B 2 9  ? -3.392  11.984  0.242   1.00 0.25 ? 9  DA  B "C5'"  1 
ATOM   607 C "C4'"  . DA  B 2 9  ? -4.400  11.320  1.185   1.00 0.22 ? 9  DA  B "C4'"  1 
ATOM   608 O "O4'"  . DA  B 2 9  ? -3.927  10.074  1.735   1.00 0.23 ? 9  DA  B "O4'"  1 
ATOM   609 C "C3'"  . DA  B 2 9  ? -4.808  12.196  2.375   1.00 0.21 ? 9  DA  B "C3'"  1 
ATOM   610 O "O3'"  . DA  B 2 9  ? -6.217  12.077  2.643   1.00 0.23 ? 9  DA  B "O3'"  1 
ATOM   611 C "C2'"  . DA  B 2 9  ? -3.880  11.658  3.445   1.00 0.20 ? 9  DA  B "C2'"  1 
ATOM   612 C "C1'"  . DA  B 2 9  ? -3.988  10.165  3.167   1.00 0.23 ? 9  DA  B "C1'"  1 
ATOM   613 N N9     . DA  B 2 9  ? -2.860  9.403   3.743   1.00 0.26 ? 9  DA  B N9     1 
ATOM   614 C C8     . DA  B 2 9  ? -1.524  9.678   3.709   1.00 0.25 ? 9  DA  B C8     1 
ATOM   615 N N7     . DA  B 2 9  ? -0.746  8.822   4.300   1.00 0.30 ? 9  DA  B N7     1 
ATOM   616 C C5     . DA  B 2 9  ? -1.656  7.881   4.776   1.00 0.36 ? 9  DA  B C5     1 
ATOM   617 C C6     . DA  B 2 9  ? -1.491  6.698   5.502   1.00 0.44 ? 9  DA  B C6     1 
ATOM   618 N N6     . DA  B 2 9  ? -0.211  6.215   5.917   1.00 0.48 ? 9  DA  B N6     1 
ATOM   619 N N1     . DA  B 2 9  ? -2.596  6.005   5.812   1.00 0.48 ? 9  DA  B N1     1 
ATOM   620 C C2     . DA  B 2 9  ? -3.787  6.448   5.429   1.00 0.45 ? 9  DA  B C2     1 
ATOM   621 N N3     . DA  B 2 9  ? -4.069  7.543   4.743   1.00 0.38 ? 9  DA  B N3     1 
ATOM   622 C C4     . DA  B 2 9  ? -2.941  8.225   4.444   1.00 0.33 ? 9  DA  B C4     1 
ATOM   623 H "H5'"  . DA  B 2 9  ? -3.162  11.287  -0.564  1.00 0.29 ? 9  DA  B "H5'"  1 
ATOM   624 H "H5''" . DA  B 2 9  ? -3.848  12.877  -0.185  1.00 0.29 ? 9  DA  B "H5''" 1 
ATOM   625 H "H4'"  . DA  B 2 9  ? -5.303  11.106  0.611   1.00 0.26 ? 9  DA  B "H4'"  1 
ATOM   626 H "H3'"  . DA  B 2 9  ? -4.611  13.245  2.151   1.00 0.23 ? 9  DA  B "H3'"  1 
ATOM   627 H "H2'"  . DA  B 2 9  ? -2.864  11.969  3.195   1.00 0.19 ? 9  DA  B "H2'"  1 
ATOM   628 H "H2''" . DA  B 2 9  ? -4.144  11.931  4.466   1.00 0.24 ? 9  DA  B "H2''" 1 
ATOM   629 H "H1'"  . DA  B 2 9  ? -4.946  9.792   3.532   1.00 0.25 ? 9  DA  B "H1'"  1 
ATOM   630 H H8     . DA  B 2 9  ? -1.126  10.564  3.213   1.00 0.21 ? 9  DA  B H8     1 
ATOM   631 H H61    . DA  B 2 9  ? -0.150  5.354   6.440   1.00 0.55 ? 9  DA  B H61    1 
ATOM   632 H H62    . DA  B 2 9  ? 0.620   6.739   5.683   1.00 0.45 ? 9  DA  B H62    1 
ATOM   633 H H2     . DA  B 2 9  ? -4.640  5.833   5.715   1.00 0.49 ? 9  DA  B H2     1 
ATOM   634 P P      . DC  B 2 10 ? -6.966  12.782  3.892   1.00 0.28 ? 10 DC  B P      1 
ATOM   635 O OP1    . DC  B 2 10 ? -8.252  13.329  3.402   1.00 0.31 ? 10 DC  B OP1    1 
ATOM   636 O OP2    . DC  B 2 10 ? -6.008  13.678  4.582   1.00 0.32 ? 10 DC  B OP2    1 
ATOM   637 O "O5'"  . DC  B 2 10 ? -7.277  11.543  4.879   1.00 0.29 ? 10 DC  B "O5'"  1 
ATOM   638 C "C5'"  . DC  B 2 10 ? -8.283  10.565  4.567   1.00 0.30 ? 10 DC  B "C5'"  1 
ATOM   639 C "C4'"  . DC  B 2 10 ? -8.464  9.528   5.681   1.00 0.36 ? 10 DC  B "C4'"  1 
ATOM   640 O "O4'"  . DC  B 2 10 ? -7.254  8.785   5.932   1.00 0.37 ? 10 DC  B "O4'"  1 
ATOM   641 C "C3'"  . DC  B 2 10 ? -8.911  10.109  7.030   1.00 0.41 ? 10 DC  B "C3'"  1 
ATOM   642 O "O3'"  . DC  B 2 10 ? -9.857  9.249   7.693   1.00 0.47 ? 10 DC  B "O3'"  1 
ATOM   643 C "C2'"  . DC  B 2 10 ? -7.573  10.283  7.714   1.00 0.42 ? 10 DC  B "C2'"  1 
ATOM   644 C "C1'"  . DC  B 2 10 ? -6.882  8.982   7.305   1.00 0.42 ? 10 DC  B "C1'"  1 
ATOM   645 N N1     . DC  B 2 10 ? -5.398  9.059   7.391   1.00 0.42 ? 10 DC  B N1     1 
ATOM   646 C C2     . DC  B 2 10 ? -4.722  8.043   8.055   1.00 0.48 ? 10 DC  B C2     1 
ATOM   647 O O2     . DC  B 2 10 ? -5.308  7.092   8.565   1.00 0.54 ? 10 DC  B O2     1 
ATOM   648 N N3     . DC  B 2 10 ? -3.371  8.114   8.133   1.00 0.49 ? 10 DC  B N3     1 
ATOM   649 C C4     . DC  B 2 10 ? -2.695  9.129   7.592   1.00 0.44 ? 10 DC  B C4     1 
ATOM   650 N N4     . DC  B 2 10 ? -1.271  9.140   7.709   1.00 0.46 ? 10 DC  B N4     1 
ATOM   651 C C5     . DC  B 2 10 ? -3.369  10.184  6.905   1.00 0.38 ? 10 DC  B C5     1 
ATOM   652 C C6     . DC  B 2 10 ? -4.714  10.108  6.830   1.00 0.37 ? 10 DC  B C6     1 
ATOM   653 H "H5'"  . DC  B 2 10 ? -7.988  10.039  3.658   1.00 0.28 ? 10 DC  B "H5'"  1 
ATOM   654 H "H5''" . DC  B 2 10 ? -9.236  11.065  4.388   1.00 0.30 ? 10 DC  B "H5''" 1 
ATOM   655 H "H4'"  . DC  B 2 10 ? -9.227  8.820   5.358   1.00 0.37 ? 10 DC  B "H4'"  1 
ATOM   656 H "H3'"  . DC  B 2 10 ? -9.412  11.063  6.871   1.00 0.40 ? 10 DC  B "H3'"  1 
ATOM   657 H "H2'"  . DC  B 2 10 ? -7.068  11.112  7.218   1.00 0.38 ? 10 DC  B "H2'"  1 
ATOM   658 H "H2''" . DC  B 2 10 ? -7.615  10.431  8.793   1.00 0.47 ? 10 DC  B "H2''" 1 
ATOM   659 H "H1'"  . DC  B 2 10 ? -7.275  8.166   7.912   1.00 0.47 ? 10 DC  B "H1'"  1 
ATOM   660 H H41    . DC  B 2 10 ? -0.826  8.392   8.222   1.00 0.51 ? 10 DC  B H41    1 
ATOM   661 H H42    . DC  B 2 10 ? -0.732  9.884   7.285   1.00 0.42 ? 10 DC  B H42    1 
ATOM   662 H H5     . DC  B 2 10 ? -2.822  11.016  6.460   1.00 0.35 ? 10 DC  B H5     1 
ATOM   663 H H6     . DC  B 2 10 ? -5.248  10.900  6.306   1.00 0.34 ? 10 DC  B H6     1 
ATOM   664 P P      . DG  B 2 11 ? -10.481 9.561   9.155   1.00 0.54 ? 11 DG  B P      1 
ATOM   665 O OP1    . DG  B 2 11 ? -11.940 9.315   9.095   1.00 0.53 ? 11 DG  B OP1    1 
ATOM   666 O OP2    . DG  B 2 11 ? -9.987  10.878  9.620   1.00 0.56 ? 11 DG  B OP2    1 
ATOM   667 O "O5'"  . DG  B 2 11 ? -9.818  8.436   10.103  1.00 0.61 ? 11 DG  B "O5'"  1 
ATOM   668 C "C5'"  . DG  B 2 11 ? -10.316 7.087   10.129  1.00 0.64 ? 11 DG  B "C5'"  1 
ATOM   669 C "C4'"  . DG  B 2 11 ? -9.730  6.257   11.277  1.00 0.73 ? 11 DG  B "C4'"  1 
ATOM   670 O "O4'"  . DG  B 2 11 ? -8.297  6.159   11.186  1.00 0.73 ? 11 DG  B "O4'"  1 
ATOM   671 C "C3'"  . DG  B 2 11 ? -10.008 6.829   12.673  1.00 0.80 ? 11 DG  B "C3'"  1 
ATOM   672 O "O3'"  . DG  B 2 11 ? -9.993  5.788   13.658  1.00 0.89 ? 11 DG  B "O3'"  1 
ATOM   673 C "C2'"  . DG  B 2 11 ? -8.831  7.775   12.811  1.00 0.79 ? 11 DG  B "C2'"  1 
ATOM   674 C "C1'"  . DG  B 2 11 ? -7.724  6.853   12.308  1.00 0.77 ? 11 DG  B "C1'"  1 
ATOM   675 N N9     . DG  B 2 11 ? -6.514  7.573   11.872  1.00 0.72 ? 11 DG  B N9     1 
ATOM   676 C C8     . DG  B 2 11 ? -6.389  8.633   11.024  1.00 0.65 ? 11 DG  B C8     1 
ATOM   677 N N7     . DG  B 2 11 ? -5.180  9.053   10.808  1.00 0.62 ? 11 DG  B N7     1 
ATOM   678 C C5     . DG  B 2 11 ? -4.422  8.185   11.592  1.00 0.69 ? 11 DG  B C5     1 
ATOM   679 C C6     . DG  B 2 11 ? -3.021  8.127   11.784  1.00 0.71 ? 11 DG  B C6     1 
ATOM   680 O O6     . DG  B 2 11 ? -2.146  8.831   11.289  1.00 0.66 ? 11 DG  B O6     1 
ATOM   681 N N1     . DG  B 2 11 ? -2.663  7.111   12.648  1.00 0.79 ? 11 DG  B N1     1 
ATOM   682 C C2     . DG  B 2 11 ? -3.539  6.243   13.263  1.00 0.85 ? 11 DG  B C2     1 
ATOM   683 N N2     . DG  B 2 11 ? -2.967  5.255   14.120  1.00 0.94 ? 11 DG  B N2     1 
ATOM   684 N N3     . DG  B 2 11 ? -4.859  6.289   13.088  1.00 0.84 ? 11 DG  B N3     1 
ATOM   685 C C4     . DG  B 2 11 ? -5.228  7.282   12.243  1.00 0.75 ? 11 DG  B C4     1 
ATOM   686 H "H5'"  . DG  B 2 11 ? -10.064 6.600   9.186   1.00 0.60 ? 11 DG  B "H5'"  1 
ATOM   687 H "H5''" . DG  B 2 11 ? -11.401 7.110   10.233  1.00 0.65 ? 11 DG  B "H5''" 1 
ATOM   688 H "H4'"  . DG  B 2 11 ? -10.150 5.253   11.219  1.00 0.75 ? 11 DG  B "H4'"  1 
ATOM   689 H "H3'"  . DG  B 2 11 ? -10.975 7.328   12.712  1.00 0.80 ? 11 DG  B "H3'"  1 
ATOM   690 H "HO3'" . DG  B 2 11 ? -9.174  5.301   13.539  1.00 1.15 ? 11 DG  B "HO3'" 1 
ATOM   691 H "H2'"  . DG  B 2 11 ? -8.956  8.592   12.100  1.00 0.73 ? 11 DG  B "H2'"  1 
ATOM   692 H "H2''" . DG  B 2 11 ? -8.647  8.148   13.818  1.00 0.86 ? 11 DG  B "H2''" 1 
ATOM   693 H "H1'"  . DG  B 2 11 ? -7.471  6.138   13.092  1.00 0.84 ? 11 DG  B "H1'"  1 
ATOM   694 H H8     . DG  B 2 11 ? -7.255  9.101   10.553  1.00 0.61 ? 11 DG  B H8     1 
ATOM   695 H H1     . DG  B 2 11 ? -1.669  7.034   12.812  1.00 0.81 ? 11 DG  B H1     1 
ATOM   696 H H21    . DG  B 2 11 ? -1.968  5.254   14.268  1.00 0.95 ? 11 DG  B H21    1 
ATOM   697 H H22    . DG  B 2 11 ? -3.561  4.572   14.567  1.00 0.99 ? 11 DG  B H22    1 
# 
